data_3A1Z
#
_entry.id   3A1Z
#
_cell.length_a   54.863
_cell.length_b   114.655
_cell.length_c   192.850
_cell.angle_alpha   90.00
_cell.angle_beta   90.00
_cell.angle_gamma   90.00
#
_symmetry.space_group_name_H-M   'P 21 21 21'
#
loop_
_entity.id
_entity.type
_entity.pdbx_description
1 polymer 'Hemolymph juvenile hormone binding protein'
2 non-polymer 'ZINC ION'
3 non-polymer (4S)-2-METHYL-2,4-PENTANEDIOL
4 water water
#
_entity_poly.entity_id   1
_entity_poly.type   'polypeptide(L)'
_entity_poly.pdbx_seq_one_letter_code
;GSDGDALLKPCKLGDMQCLSSATEQFLEKTSKGIPQYDIWPIDPLVVTSLDVIAPSDAGIVIRFKNLNITGLKNQQISDF
QMDTKAKTVLLKTKADLHIVGDIVIELTEQSKSFTGLYTADTNVIGAVRYGYNLKNDDNGVQHFEVQPETFTCESIGEPK
ITLSSDLSSALEKDSGNNSLEPDMEPLKTLRQAAICKIAEACYISVVHNIRASAKILPASSFFENLN
;
_entity_poly.pdbx_strand_id   A,B,C,D
#
loop_
_chem_comp.id
_chem_comp.type
_chem_comp.name
_chem_comp.formula
MPD non-polymer (4S)-2-METHYL-2,4-PENTANEDIOL 'C6 H14 O2'
ZN non-polymer 'ZINC ION' 'Zn 2'
#
# COMPACT_ATOMS: atom_id res chain seq x y z
N LYS A 9 43.37 2.37 8.49
CA LYS A 9 44.54 1.82 9.26
C LYS A 9 44.14 0.46 9.84
N PRO A 10 45.06 -0.51 9.81
CA PRO A 10 44.78 -1.86 10.29
C PRO A 10 44.76 -1.95 11.81
N CYS A 11 44.17 -3.02 12.32
CA CYS A 11 44.32 -3.38 13.71
C CYS A 11 45.37 -4.45 13.78
N LYS A 12 45.52 -5.01 14.98
CA LYS A 12 46.28 -6.24 15.15
C LYS A 12 45.29 -7.28 15.60
N LEU A 13 45.33 -8.44 14.94
CA LEU A 13 44.46 -9.53 15.29
C LEU A 13 44.40 -9.59 16.81
N GLY A 14 43.23 -9.90 17.37
CA GLY A 14 43.09 -9.98 18.83
C GLY A 14 42.59 -8.76 19.58
N ASP A 15 43.15 -7.59 19.30
CA ASP A 15 42.76 -6.35 20.00
C ASP A 15 41.32 -5.88 19.75
N MET A 16 40.39 -6.50 20.45
CA MET A 16 38.98 -6.17 20.36
C MET A 16 38.65 -4.69 20.48
N GLN A 17 39.48 -3.92 21.20
CA GLN A 17 39.12 -2.52 21.43
C GLN A 17 39.42 -1.69 20.20
N CYS A 18 40.51 -2.05 19.52
CA CYS A 18 40.88 -1.42 18.24
C CYS A 18 39.71 -1.44 17.25
N LEU A 19 39.07 -2.61 17.14
CA LEU A 19 37.98 -2.87 16.19
C LEU A 19 36.80 -1.92 16.36
N SER A 20 36.19 -1.98 17.54
CA SER A 20 35.03 -1.18 17.84
C SER A 20 35.16 0.24 17.34
N SER A 21 36.37 0.78 17.42
CA SER A 21 36.59 2.16 17.01
C SER A 21 36.69 2.28 15.50
N ALA A 22 37.33 1.29 14.88
CA ALA A 22 37.44 1.27 13.44
C ALA A 22 36.02 1.23 12.85
N THR A 23 35.21 0.30 13.36
CA THR A 23 33.80 0.16 12.98
C THR A 23 33.01 1.44 13.25
N GLU A 24 33.00 1.88 14.50
CA GLU A 24 32.30 3.11 14.82
C GLU A 24 32.76 4.13 13.82
N GLN A 25 34.07 4.25 13.68
CA GLN A 25 34.63 5.21 12.72
C GLN A 25 34.15 4.98 11.28
N PHE A 26 34.15 3.72 10.83
CA PHE A 26 33.58 3.39 9.51
C PHE A 26 32.11 3.84 9.44
N LEU A 27 31.35 3.54 10.48
CA LEU A 27 29.91 3.78 10.46
C LEU A 27 29.62 5.27 10.36
N GLU A 28 30.32 6.04 11.18
CA GLU A 28 30.15 7.49 11.10
C GLU A 28 30.60 8.07 9.77
N LYS A 29 31.82 7.78 9.34
CA LYS A 29 32.27 8.31 8.04
C LYS A 29 31.29 8.02 6.89
N THR A 30 30.84 6.76 6.79
CA THR A 30 30.10 6.33 5.60
C THR A 30 28.59 6.41 5.74
N SER A 31 28.16 6.74 6.95
CA SER A 31 26.78 6.67 7.33
C SER A 31 25.82 7.46 6.43
N LYS A 32 26.30 8.38 5.61
CA LYS A 32 25.33 8.94 4.70
C LYS A 32 25.30 8.32 3.32
N GLY A 33 26.08 7.25 3.13
CA GLY A 33 25.98 6.45 1.92
C GLY A 33 27.23 6.50 1.07
N ILE A 34 27.26 5.71 0.02
CA ILE A 34 28.35 5.69 -0.94
C ILE A 34 27.86 4.68 -1.96
N PRO A 35 27.01 5.14 -2.85
CA PRO A 35 26.36 4.16 -3.72
C PRO A 35 27.37 3.27 -4.42
N GLN A 36 28.47 3.83 -4.92
CA GLN A 36 29.33 3.04 -5.81
C GLN A 36 29.97 1.87 -5.04
N TYR A 37 29.86 1.91 -3.72
CA TYR A 37 30.43 0.84 -2.92
C TYR A 37 29.33 -0.01 -2.29
N ASP A 38 28.09 0.22 -2.72
CA ASP A 38 26.92 -0.34 -2.08
C ASP A 38 26.92 -0.12 -0.58
N ILE A 39 27.35 1.04 -0.13
CA ILE A 39 27.25 1.34 1.31
C ILE A 39 26.00 2.19 1.49
N TRP A 40 25.05 1.74 2.31
CA TRP A 40 23.70 2.38 2.33
C TRP A 40 23.78 3.56 3.27
N PRO A 41 23.03 4.63 2.98
CA PRO A 41 22.83 5.69 3.95
C PRO A 41 22.16 5.10 5.16
N ILE A 42 22.76 5.23 6.34
CA ILE A 42 22.08 4.77 7.53
C ILE A 42 21.83 5.89 8.54
N ASP A 43 22.10 7.15 8.16
CA ASP A 43 21.77 8.29 9.06
C ASP A 43 21.66 9.56 8.28
N PRO A 44 20.43 10.00 8.01
CA PRO A 44 19.16 9.34 8.37
C PRO A 44 18.99 7.99 7.65
N LEU A 45 18.24 7.08 8.28
CA LEU A 45 17.87 5.78 7.73
C LEU A 45 16.39 5.82 7.45
N VAL A 46 15.99 5.46 6.24
CA VAL A 46 14.60 5.41 5.85
C VAL A 46 14.13 3.96 5.68
N VAL A 47 13.02 3.61 6.33
CA VAL A 47 12.38 2.31 6.18
C VAL A 47 11.02 2.53 5.54
N THR A 48 10.85 1.95 4.38
CA THR A 48 9.65 2.13 3.62
C THR A 48 8.43 1.65 4.38
N SER A 49 8.54 0.48 4.99
CA SER A 49 7.48 0.09 5.90
C SER A 49 7.92 -1.07 6.74
N LEU A 50 7.25 -1.24 7.84
CA LEU A 50 7.60 -2.22 8.81
C LEU A 50 6.28 -2.52 9.47
N ASP A 51 5.97 -3.79 9.60
CA ASP A 51 4.73 -4.16 10.29
C ASP A 51 5.01 -4.86 11.61
N VAL A 52 4.14 -4.66 12.57
CA VAL A 52 4.40 -5.22 13.88
C VAL A 52 3.16 -5.84 14.51
N ILE A 53 3.25 -7.09 14.92
CA ILE A 53 2.12 -7.70 15.59
C ILE A 53 2.14 -7.46 17.07
N ALA A 54 1.02 -7.12 17.67
CA ALA A 54 0.95 -7.00 19.11
C ALA A 54 1.27 -8.37 19.73
N PRO A 55 2.30 -8.44 20.57
CA PRO A 55 2.63 -9.73 21.17
C PRO A 55 1.46 -10.32 22.01
N SER A 56 0.68 -9.46 22.63
CA SER A 56 -0.38 -9.91 23.49
C SER A 56 -1.69 -10.04 22.73
N ASP A 57 -1.66 -10.17 21.40
CA ASP A 57 -2.89 -10.23 20.62
C ASP A 57 -2.61 -10.06 19.17
N ALA A 58 -2.60 -11.15 18.42
CA ALA A 58 -2.22 -11.10 17.03
C ALA A 58 -3.25 -10.43 16.15
N GLY A 59 -4.42 -10.14 16.70
CA GLY A 59 -5.37 -9.43 15.86
C GLY A 59 -5.04 -7.94 15.74
N ILE A 60 -4.06 -7.47 16.52
CA ILE A 60 -3.64 -6.10 16.50
C ILE A 60 -2.31 -5.94 15.79
N VAL A 61 -2.31 -5.12 14.73
CA VAL A 61 -1.13 -4.92 13.88
C VAL A 61 -0.74 -3.47 13.73
N ILE A 62 0.50 -3.14 14.04
CA ILE A 62 1.00 -1.80 13.85
C ILE A 62 1.74 -1.74 12.53
N ARG A 63 1.28 -0.85 11.66
CA ARG A 63 1.81 -0.73 10.34
C ARG A 63 2.59 0.59 10.32
N PHE A 64 3.91 0.54 10.22
CA PHE A 64 4.68 1.78 10.08
C PHE A 64 4.97 2.04 8.60
N LYS A 65 4.85 3.29 8.22
CA LYS A 65 5.28 3.69 6.90
C LYS A 65 6.19 4.89 6.97
N ASN A 66 7.24 4.84 6.17
CA ASN A 66 8.16 6.00 6.03
C ASN A 66 8.94 6.28 7.27
N LEU A 67 9.40 5.26 7.99
CA LEU A 67 10.15 5.53 9.18
C LEU A 67 11.44 6.20 8.81
N ASN A 68 11.66 7.33 9.47
CA ASN A 68 12.86 8.11 9.29
C ASN A 68 13.62 8.08 10.63
N ILE A 69 14.86 7.55 10.63
CA ILE A 69 15.61 7.25 11.87
C ILE A 69 17.01 7.90 11.87
N THR A 70 17.32 8.66 12.90
CA THR A 70 18.60 9.34 12.99
C THR A 70 19.22 8.83 14.29
N GLY A 71 20.56 8.88 14.39
CA GLY A 71 21.20 8.45 15.60
C GLY A 71 22.24 7.37 15.36
N LEU A 72 22.09 6.65 14.26
CA LEU A 72 22.96 5.52 14.00
C LEU A 72 24.41 5.88 13.64
N LYS A 73 24.66 7.07 13.11
CA LYS A 73 26.03 7.56 12.89
C LYS A 73 26.83 7.33 14.14
N ASN A 74 26.19 7.62 15.27
CA ASN A 74 26.91 7.80 16.53
C ASN A 74 26.84 6.63 17.45
N GLN A 75 26.34 5.49 17.01
CA GLN A 75 26.13 4.45 18.03
C GLN A 75 27.47 4.02 18.54
N GLN A 76 27.52 3.51 19.75
CA GLN A 76 28.78 3.00 20.27
C GLN A 76 28.89 1.51 20.05
N ILE A 77 30.04 1.06 19.60
CA ILE A 77 30.27 -0.35 19.51
C ILE A 77 30.92 -0.79 20.80
N SER A 78 30.10 -0.96 21.83
CA SER A 78 30.59 -1.25 23.18
C SER A 78 30.74 -2.74 23.50
N ASP A 79 31.51 -3.46 22.69
CA ASP A 79 31.87 -4.85 22.94
C ASP A 79 31.97 -5.52 21.58
N PHE A 80 33.06 -6.27 21.36
CA PHE A 80 33.40 -6.82 20.06
C PHE A 80 34.26 -8.08 20.17
N GLN A 81 33.64 -9.23 19.92
CA GLN A 81 34.34 -10.52 20.02
C GLN A 81 34.46 -11.27 18.70
N MET A 82 35.68 -11.55 18.29
CA MET A 82 35.91 -12.30 17.09
C MET A 82 36.55 -13.62 17.43
N ASP A 83 35.89 -14.72 17.11
CA ASP A 83 36.40 -16.03 17.43
C ASP A 83 36.96 -16.71 16.20
N THR A 84 38.25 -17.00 16.23
CA THR A 84 38.95 -17.38 15.01
C THR A 84 38.78 -18.82 14.54
N LYS A 85 38.63 -19.76 15.46
CA LYS A 85 38.42 -21.14 15.01
C LYS A 85 36.98 -21.37 14.58
N ALA A 86 36.03 -20.81 15.33
CA ALA A 86 34.63 -20.88 14.91
C ALA A 86 34.31 -19.86 13.82
N LYS A 87 35.20 -18.88 13.66
CA LYS A 87 34.99 -17.77 12.73
C LYS A 87 33.59 -17.17 12.80
N THR A 88 33.32 -16.49 13.90
CA THR A 88 32.04 -15.84 14.10
C THR A 88 32.31 -14.49 14.78
N VAL A 89 31.34 -13.57 14.71
CA VAL A 89 31.46 -12.27 15.38
C VAL A 89 30.28 -11.98 16.30
N LEU A 90 30.57 -11.60 17.54
CA LEU A 90 29.55 -11.08 18.43
C LEU A 90 29.84 -9.62 18.62
N LEU A 91 28.83 -8.77 18.58
CA LEU A 91 29.06 -7.39 18.92
C LEU A 91 27.80 -6.68 19.46
N LYS A 92 28.01 -5.78 20.41
CA LYS A 92 26.93 -5.16 21.14
C LYS A 92 26.95 -3.69 20.82
N THR A 93 25.79 -3.06 20.79
CA THR A 93 25.78 -1.64 20.55
C THR A 93 24.77 -0.97 21.38
N LYS A 94 24.84 0.35 21.34
CA LYS A 94 23.83 1.21 21.88
C LYS A 94 23.68 2.34 20.88
N ALA A 95 22.45 2.73 20.61
CA ALA A 95 22.19 3.88 19.78
C ALA A 95 21.10 4.68 20.49
N ASP A 96 21.19 6.02 20.42
CA ASP A 96 20.05 6.85 20.77
C ASP A 96 19.34 7.08 19.46
N LEU A 97 18.15 6.55 19.31
CA LEU A 97 17.52 6.70 18.00
C LEU A 97 16.42 7.73 18.10
N HIS A 98 16.36 8.63 17.15
CA HIS A 98 15.21 9.49 17.07
C HIS A 98 14.47 8.91 15.87
N ILE A 99 13.21 8.53 16.07
CA ILE A 99 12.44 7.88 15.05
C ILE A 99 11.18 8.65 14.72
N VAL A 100 10.89 8.85 13.45
CA VAL A 100 9.63 9.49 13.04
C VAL A 100 9.04 8.74 11.86
N GLY A 101 7.74 8.53 11.87
CA GLY A 101 7.07 7.94 10.73
C GLY A 101 5.57 7.94 10.84
N ASP A 102 4.90 7.51 9.78
CA ASP A 102 3.46 7.30 9.74
C ASP A 102 3.09 6.01 10.48
N ILE A 103 1.93 5.98 11.12
CA ILE A 103 1.55 4.78 11.82
C ILE A 103 0.08 4.54 11.56
N VAL A 104 -0.25 3.26 11.39
CA VAL A 104 -1.63 2.82 11.30
C VAL A 104 -1.84 1.74 12.31
N ILE A 105 -2.68 2.01 13.28
CA ILE A 105 -2.94 1.04 14.31
C ILE A 105 -4.17 0.28 13.85
N GLU A 106 -3.96 -0.98 13.53
CA GLU A 106 -5.00 -1.74 12.83
C GLU A 106 -5.60 -2.75 13.77
N LEU A 107 -6.85 -2.49 14.15
CA LEU A 107 -7.60 -3.42 14.95
C LEU A 107 -8.43 -4.38 14.05
N THR A 108 -7.77 -5.38 13.47
CA THR A 108 -8.42 -6.29 12.53
C THR A 108 -9.69 -6.96 13.04
N GLU A 109 -9.76 -7.28 14.32
CA GLU A 109 -10.92 -7.98 14.74
C GLU A 109 -12.10 -7.03 14.92
N GLN A 110 -11.84 -5.74 14.91
CA GLN A 110 -12.91 -4.74 15.03
C GLN A 110 -13.21 -4.08 13.68
N SER A 111 -12.44 -4.45 12.64
CA SER A 111 -12.69 -3.89 11.30
C SER A 111 -12.33 -2.42 11.24
N LYS A 112 -11.49 -1.94 12.14
CA LYS A 112 -11.03 -0.57 12.04
C LYS A 112 -9.59 -0.28 12.31
N SER A 113 -9.21 0.91 11.90
CA SER A 113 -7.86 1.37 12.02
C SER A 113 -7.82 2.84 12.44
N PHE A 114 -6.68 3.22 13.02
CA PHE A 114 -6.48 4.59 13.39
C PHE A 114 -5.16 5.03 12.76
N THR A 115 -5.10 6.27 12.29
CA THR A 115 -3.92 6.76 11.57
C THR A 115 -3.27 8.03 12.13
N GLY A 116 -1.95 8.12 12.10
CA GLY A 116 -1.33 9.42 12.34
C GLY A 116 0.15 9.33 12.32
N LEU A 117 0.80 10.12 13.15
CA LEU A 117 2.24 10.14 13.21
C LEU A 117 2.74 9.65 14.51
N TYR A 118 3.97 9.14 14.47
CA TYR A 118 4.59 8.48 15.57
C TYR A 118 6.02 9.00 15.69
N THR A 119 6.49 9.06 16.91
CA THR A 119 7.77 9.61 17.20
C THR A 119 8.23 8.82 18.40
N ALA A 120 9.50 8.45 18.40
CA ALA A 120 10.02 7.64 19.47
C ALA A 120 11.46 8.08 19.63
N ASP A 121 11.80 8.40 20.87
CA ASP A 121 13.15 8.69 21.26
C ASP A 121 13.53 7.59 22.28
N THR A 122 14.55 6.81 21.96
CA THR A 122 14.84 5.60 22.72
C THR A 122 16.33 5.26 22.58
N ASN A 123 16.89 4.67 23.62
CA ASN A 123 18.22 4.16 23.61
C ASN A 123 18.21 2.67 23.60
N VAL A 124 18.83 2.09 22.59
CA VAL A 124 18.63 0.70 22.27
C VAL A 124 19.93 -0.04 22.46
N ILE A 125 19.86 -1.22 23.07
CA ILE A 125 21.04 -2.02 23.22
C ILE A 125 20.85 -3.38 22.55
N GLY A 126 21.80 -3.78 21.72
CA GLY A 126 21.60 -4.98 20.91
C GLY A 126 22.84 -5.81 20.65
N ALA A 127 22.62 -6.91 19.95
CA ALA A 127 23.67 -7.84 19.67
C ALA A 127 23.47 -8.38 18.27
N VAL A 128 24.56 -8.39 17.55
CA VAL A 128 24.59 -8.82 16.20
C VAL A 128 25.48 -10.02 16.27
N ARG A 129 25.05 -11.13 15.70
CA ARG A 129 25.98 -12.21 15.55
C ARG A 129 25.97 -12.69 14.11
N TYR A 130 27.15 -13.01 13.61
CA TYR A 130 27.26 -13.68 12.35
C TYR A 130 28.58 -14.42 12.30
N GLY A 131 28.62 -15.39 11.41
CA GLY A 131 29.88 -16.02 11.05
C GLY A 131 30.41 -15.39 9.76
N TYR A 132 31.61 -15.76 9.40
CA TYR A 132 32.21 -15.31 8.19
C TYR A 132 33.20 -16.34 7.71
N ASN A 133 33.60 -16.21 6.45
CA ASN A 133 34.67 -16.99 5.92
C ASN A 133 35.61 -16.14 5.01
N LEU A 134 36.71 -16.77 4.59
CA LEU A 134 37.62 -16.12 3.72
C LEU A 134 37.36 -16.63 2.33
N LYS A 135 37.52 -15.75 1.34
CA LYS A 135 37.25 -16.08 -0.05
C LYS A 135 38.09 -15.20 -0.99
N ASN A 136 38.29 -15.64 -2.23
CA ASN A 136 39.18 -14.93 -3.13
C ASN A 136 38.54 -14.10 -4.24
N ASP A 137 39.12 -12.92 -4.45
CA ASP A 137 39.05 -12.12 -5.67
C ASP A 137 39.20 -12.95 -6.93
N ASP A 138 38.91 -12.32 -8.06
CA ASP A 138 39.31 -12.82 -9.36
C ASP A 138 40.81 -12.76 -9.53
N ASN A 139 41.47 -12.00 -8.68
CA ASN A 139 42.91 -11.91 -8.79
C ASN A 139 43.53 -12.75 -7.70
N GLY A 140 42.70 -13.43 -6.93
CA GLY A 140 43.17 -14.32 -5.89
C GLY A 140 43.52 -13.58 -4.62
N VAL A 141 42.86 -12.46 -4.32
CA VAL A 141 43.05 -11.80 -3.04
C VAL A 141 41.88 -12.14 -2.10
N GLN A 142 42.23 -12.39 -0.84
CA GLN A 142 41.30 -12.75 0.20
C GLN A 142 40.50 -11.62 0.80
N HIS A 143 39.17 -11.75 0.82
CA HIS A 143 38.32 -10.84 1.57
C HIS A 143 37.64 -11.66 2.66
N PHE A 144 37.25 -11.02 3.76
CA PHE A 144 36.23 -11.60 4.59
C PHE A 144 34.95 -11.54 3.80
N GLU A 145 34.03 -12.44 4.13
CA GLU A 145 32.70 -12.48 3.54
C GLU A 145 31.79 -12.67 4.76
N VAL A 146 30.95 -11.68 5.07
CA VAL A 146 30.17 -11.83 6.30
C VAL A 146 28.82 -12.36 5.98
N GLN A 147 28.41 -13.34 6.76
CA GLN A 147 27.20 -14.11 6.46
C GLN A 147 25.96 -13.54 7.13
N PRO A 148 24.77 -14.03 6.72
CA PRO A 148 23.53 -13.56 7.32
C PRO A 148 23.64 -13.58 8.82
N GLU A 149 23.28 -12.48 9.46
CA GLU A 149 23.44 -12.37 10.91
C GLU A 149 22.10 -12.47 11.63
N THR A 150 22.14 -12.48 12.94
CA THR A 150 20.94 -12.40 13.74
C THR A 150 21.04 -11.19 14.66
N PHE A 151 19.91 -10.63 15.03
CA PHE A 151 19.92 -9.47 15.87
C PHE A 151 19.06 -9.73 17.09
N THR A 152 19.62 -9.48 18.27
CA THR A 152 18.93 -9.69 19.50
C THR A 152 18.77 -8.31 20.07
N CYS A 153 17.54 -7.98 20.41
CA CYS A 153 17.25 -6.69 20.99
C CYS A 153 17.42 -6.77 22.52
N GLU A 154 18.55 -6.36 23.06
CA GLU A 154 18.76 -6.62 24.51
C GLU A 154 18.05 -5.69 25.49
N SER A 155 17.86 -4.42 25.13
CA SER A 155 16.88 -3.61 25.83
C SER A 155 16.61 -2.26 25.16
N ILE A 156 15.51 -1.62 25.51
CA ILE A 156 15.14 -0.38 24.85
C ILE A 156 15.15 0.76 25.82
N GLY A 157 15.70 0.55 27.01
CA GLY A 157 15.74 1.65 27.95
C GLY A 157 14.31 1.99 28.22
N GLU A 158 13.99 3.29 28.17
CA GLU A 158 12.75 3.87 28.69
C GLU A 158 12.25 4.88 27.68
N PRO A 159 11.54 4.42 26.66
CA PRO A 159 11.36 5.26 25.48
C PRO A 159 10.41 6.44 25.67
N LYS A 160 10.61 7.53 24.94
CA LYS A 160 9.56 8.54 24.84
C LYS A 160 8.84 8.37 23.49
N ILE A 161 7.51 8.22 23.55
CA ILE A 161 6.71 7.96 22.40
C ILE A 161 5.67 9.03 22.40
N THR A 162 5.35 9.53 21.21
CA THR A 162 4.38 10.56 21.05
C THR A 162 3.53 10.14 19.87
N LEU A 163 2.23 10.40 19.92
CA LEU A 163 1.39 10.15 18.79
C LEU A 163 0.91 11.52 18.37
N SER A 164 0.80 11.77 17.07
CA SER A 164 0.23 13.00 16.65
C SER A 164 -1.15 13.17 17.31
N SER A 165 -1.53 14.40 17.59
CA SER A 165 -2.68 14.66 18.44
C SER A 165 -4.01 14.36 17.79
N ASP A 166 -4.03 14.32 16.47
CA ASP A 166 -5.22 13.79 15.77
C ASP A 166 -5.47 12.31 16.07
N LEU A 167 -4.39 11.53 16.09
CA LEU A 167 -4.48 10.13 16.35
C LEU A 167 -4.85 9.91 17.80
N SER A 168 -4.16 10.62 18.68
CA SER A 168 -4.24 10.25 20.07
C SER A 168 -5.63 10.69 20.53
N SER A 169 -6.13 11.72 19.86
CA SER A 169 -7.47 12.16 20.06
C SER A 169 -8.50 11.15 19.51
N ALA A 170 -8.22 10.57 18.34
CA ALA A 170 -9.10 9.50 17.87
C ALA A 170 -9.09 8.29 18.83
N LEU A 171 -7.93 7.91 19.33
CA LEU A 171 -7.82 6.74 20.19
C LEU A 171 -8.62 6.96 21.45
N GLU A 172 -8.37 8.10 22.10
CA GLU A 172 -9.10 8.42 23.29
C GLU A 172 -10.62 8.35 23.05
N LYS A 173 -11.06 8.87 21.92
CA LYS A 173 -12.48 9.08 21.72
C LYS A 173 -13.20 7.75 21.45
N ASP A 174 -12.43 6.75 21.03
CA ASP A 174 -12.92 5.39 20.82
C ASP A 174 -13.03 4.57 22.13
N SER A 175 -11.97 4.55 22.92
CA SER A 175 -11.91 3.77 24.14
C SER A 175 -12.56 4.47 25.33
N GLY A 176 -12.98 5.73 25.12
CA GLY A 176 -13.63 6.49 26.19
C GLY A 176 -14.96 5.89 26.62
N GLU A 185 0.86 -3.48 29.79
CA GLU A 185 0.73 -4.23 28.53
C GLU A 185 -0.52 -5.09 28.58
N PRO A 186 -1.05 -5.47 27.41
CA PRO A 186 -0.45 -5.43 26.09
C PRO A 186 0.39 -4.19 25.80
N LEU A 187 -0.03 -3.05 26.31
CA LEU A 187 0.66 -1.78 26.06
C LEU A 187 2.18 -1.90 26.11
N LYS A 188 2.72 -1.85 27.31
CA LYS A 188 4.15 -2.08 27.54
C LYS A 188 4.75 -2.97 26.44
N THR A 189 4.19 -4.17 26.32
CA THR A 189 4.69 -5.22 25.46
C THR A 189 4.64 -4.82 23.99
N LEU A 190 3.63 -4.04 23.63
CA LEU A 190 3.46 -3.67 22.26
C LEU A 190 4.47 -2.57 21.90
N ARG A 191 4.64 -1.64 22.82
CA ARG A 191 5.53 -0.55 22.63
C ARG A 191 6.96 -1.05 22.47
N GLN A 192 7.30 -2.00 23.34
CA GLN A 192 8.57 -2.72 23.29
C GLN A 192 8.76 -3.41 21.96
N ALA A 193 7.78 -4.18 21.51
CA ALA A 193 7.97 -4.94 20.29
C ALA A 193 8.19 -4.01 19.08
N ALA A 194 7.50 -2.88 19.04
CA ALA A 194 7.66 -2.00 17.91
C ALA A 194 9.13 -1.50 17.85
N ILE A 195 9.62 -0.88 18.94
CA ILE A 195 11.02 -0.49 19.05
C ILE A 195 11.98 -1.62 18.67
N CYS A 196 11.74 -2.83 19.14
CA CYS A 196 12.67 -3.92 18.79
C CYS A 196 12.65 -4.25 17.30
N LYS A 197 11.46 -4.28 16.71
CA LYS A 197 11.33 -4.48 15.28
C LYS A 197 12.06 -3.40 14.48
N ILE A 198 11.84 -2.15 14.88
CA ILE A 198 12.53 -1.05 14.24
C ILE A 198 14.05 -1.12 14.45
N ALA A 199 14.48 -1.43 15.66
CA ALA A 199 15.89 -1.54 15.91
C ALA A 199 16.47 -2.63 14.98
N GLU A 200 15.77 -3.76 14.90
CA GLU A 200 16.15 -4.83 13.99
C GLU A 200 16.34 -4.41 12.54
N ALA A 201 15.39 -3.67 11.98
CA ALA A 201 15.61 -3.15 10.60
C ALA A 201 16.85 -2.23 10.53
N CYS A 202 17.02 -1.37 11.55
CA CYS A 202 18.21 -0.53 11.68
C CYS A 202 19.50 -1.35 11.54
N TYR A 203 19.57 -2.49 12.23
CA TYR A 203 20.79 -3.31 12.21
C TYR A 203 20.93 -4.26 11.02
N ILE A 204 19.83 -4.64 10.39
CA ILE A 204 19.97 -5.34 9.14
C ILE A 204 20.77 -4.36 8.29
N SER A 205 20.43 -3.07 8.37
CA SER A 205 21.15 -2.05 7.59
C SER A 205 22.60 -1.76 7.96
N VAL A 206 22.88 -1.75 9.27
CA VAL A 206 24.22 -1.56 9.76
C VAL A 206 25.12 -2.68 9.23
N VAL A 207 24.67 -3.92 9.41
CA VAL A 207 25.48 -5.04 9.04
C VAL A 207 25.60 -5.13 7.54
N HIS A 208 24.60 -4.65 6.82
CA HIS A 208 24.72 -4.64 5.39
C HIS A 208 26.02 -3.87 5.04
N ASN A 209 26.24 -2.76 5.76
CA ASN A 209 27.37 -1.86 5.44
C ASN A 209 28.73 -2.46 5.89
N ILE A 210 28.72 -3.11 7.06
CA ILE A 210 29.87 -3.91 7.47
C ILE A 210 30.20 -4.99 6.41
N ARG A 211 29.22 -5.83 6.11
CA ARG A 211 29.33 -6.75 4.99
C ARG A 211 29.87 -6.11 3.71
N ALA A 212 29.38 -4.92 3.37
CA ALA A 212 29.85 -4.27 2.14
C ALA A 212 31.32 -3.78 2.23
N SER A 213 31.74 -3.21 3.37
CA SER A 213 33.12 -2.83 3.45
C SER A 213 34.01 -4.04 3.21
N ALA A 214 33.61 -5.18 3.78
CA ALA A 214 34.34 -6.43 3.58
C ALA A 214 34.49 -6.80 2.11
N LYS A 215 33.65 -6.29 1.23
CA LYS A 215 33.84 -6.64 -0.18
C LYS A 215 34.81 -5.68 -0.84
N ILE A 216 34.98 -4.54 -0.20
CA ILE A 216 35.66 -3.44 -0.81
C ILE A 216 37.14 -3.46 -0.46
N LEU A 217 37.54 -4.32 0.46
CA LEU A 217 38.89 -4.22 0.95
C LEU A 217 39.50 -5.59 1.31
N PRO A 218 40.76 -5.82 0.93
CA PRO A 218 41.28 -7.15 1.17
C PRO A 218 41.28 -7.47 2.68
N ALA A 219 41.08 -8.73 3.05
CA ALA A 219 41.10 -9.11 4.44
C ALA A 219 42.34 -8.54 5.13
N SER A 220 43.47 -8.62 4.41
CA SER A 220 44.76 -8.07 4.88
C SER A 220 44.62 -6.64 5.40
N SER A 221 43.68 -5.89 4.86
CA SER A 221 43.57 -4.49 5.22
C SER A 221 43.14 -4.33 6.65
N PHE A 222 42.37 -5.29 7.13
CA PHE A 222 41.66 -5.09 8.39
C PHE A 222 42.50 -5.56 9.57
N PHE A 223 43.60 -6.23 9.27
CA PHE A 223 44.57 -6.53 10.33
C PHE A 223 45.99 -6.36 9.83
N GLU A 224 46.96 -6.38 10.75
CA GLU A 224 48.30 -5.87 10.40
C GLU A 224 49.17 -6.87 9.64
N LYS B 9 -17.52 -10.46 -41.51
CA LYS B 9 -18.37 -9.61 -40.61
C LYS B 9 -18.00 -8.12 -40.66
N PRO B 10 -17.51 -7.63 -41.83
CA PRO B 10 -17.16 -6.22 -42.03
C PRO B 10 -18.35 -5.38 -42.50
N CYS B 11 -18.23 -4.06 -42.43
CA CYS B 11 -19.35 -3.19 -42.80
C CYS B 11 -19.17 -2.51 -44.13
N LYS B 12 -19.98 -1.48 -44.34
CA LYS B 12 -19.85 -0.60 -45.49
C LYS B 12 -19.73 0.84 -45.04
N LEU B 13 -18.73 1.53 -45.60
CA LEU B 13 -18.43 2.95 -45.35
C LEU B 13 -19.66 3.84 -45.09
N GLY B 14 -20.64 3.35 -44.36
CA GLY B 14 -21.87 4.11 -44.08
C GLY B 14 -22.70 3.57 -42.93
N ASP B 15 -22.97 2.27 -42.95
CA ASP B 15 -23.74 1.65 -41.89
C ASP B 15 -23.26 2.18 -40.54
N MET B 16 -24.20 2.53 -39.67
CA MET B 16 -23.89 3.04 -38.34
C MET B 16 -24.24 2.01 -37.26
N GLN B 17 -25.46 1.49 -37.29
CA GLN B 17 -25.84 0.42 -36.39
C GLN B 17 -25.04 -0.83 -36.71
N CYS B 18 -24.21 -0.72 -37.74
CA CYS B 18 -23.29 -1.79 -38.08
C CYS B 18 -22.18 -1.85 -37.03
N LEU B 19 -21.30 -0.85 -37.06
CA LEU B 19 -20.26 -0.70 -36.04
C LEU B 19 -20.78 -1.27 -34.72
N SER B 20 -21.42 -0.41 -33.95
CA SER B 20 -22.04 -0.82 -32.71
C SER B 20 -22.17 -2.35 -32.52
N SER B 21 -22.39 -3.10 -33.60
CA SER B 21 -22.53 -4.55 -33.44
C SER B 21 -21.21 -5.28 -33.62
N ALA B 22 -20.40 -4.78 -34.54
CA ALA B 22 -19.08 -5.36 -34.75
C ALA B 22 -18.28 -5.25 -33.44
N THR B 23 -17.96 -4.01 -33.06
CA THR B 23 -17.40 -3.71 -31.74
C THR B 23 -18.01 -4.62 -30.68
N GLU B 24 -19.32 -4.52 -30.52
CA GLU B 24 -19.99 -5.33 -29.55
C GLU B 24 -19.43 -6.74 -29.61
N GLN B 25 -18.89 -7.15 -30.76
CA GLN B 25 -18.53 -8.56 -30.92
C GLN B 25 -17.06 -8.89 -30.76
N PHE B 26 -16.20 -8.01 -31.25
CA PHE B 26 -14.78 -8.09 -30.94
C PHE B 26 -14.59 -8.30 -29.42
N LEU B 27 -15.15 -7.40 -28.62
CA LEU B 27 -15.20 -7.58 -27.16
C LEU B 27 -15.93 -8.86 -26.79
N GLU B 28 -17.03 -9.19 -27.50
CA GLU B 28 -17.78 -10.40 -27.13
C GLU B 28 -16.72 -11.45 -26.81
N LYS B 29 -15.81 -11.75 -27.74
CA LYS B 29 -14.84 -12.82 -27.37
C LYS B 29 -13.34 -12.57 -27.47
N THR B 30 -12.90 -11.32 -27.31
CA THR B 30 -11.53 -11.07 -26.89
C THR B 30 -11.51 -11.00 -25.36
N SER B 31 -12.71 -10.93 -24.77
CA SER B 31 -12.93 -10.93 -23.33
C SER B 31 -11.82 -11.52 -22.45
N LYS B 32 -11.30 -12.67 -22.83
CA LYS B 32 -10.29 -13.29 -22.00
C LYS B 32 -8.90 -12.73 -22.29
N GLY B 33 -8.81 -11.92 -23.35
CA GLY B 33 -7.59 -11.20 -23.67
C GLY B 33 -6.61 -11.99 -24.49
N ILE B 34 -5.89 -11.33 -25.38
CA ILE B 34 -4.82 -11.98 -26.13
C ILE B 34 -3.56 -11.18 -25.93
N PRO B 35 -2.69 -11.67 -25.04
CA PRO B 35 -1.43 -11.01 -24.72
C PRO B 35 -0.56 -10.65 -25.94
N GLN B 36 -0.47 -11.56 -26.92
CA GLN B 36 0.33 -11.31 -28.12
C GLN B 36 -0.07 -9.99 -28.77
N TYR B 37 -1.31 -9.57 -28.60
CA TYR B 37 -1.79 -8.35 -29.26
C TYR B 37 -2.03 -7.17 -28.32
N ASP B 38 -1.51 -7.27 -27.10
CA ASP B 38 -1.88 -6.32 -26.04
C ASP B 38 -3.39 -6.08 -25.96
N ILE B 39 -4.16 -7.16 -25.92
CA ILE B 39 -5.59 -7.05 -25.65
C ILE B 39 -5.83 -7.60 -24.22
N TRP B 40 -6.37 -6.78 -23.34
CA TRP B 40 -6.40 -7.15 -21.94
C TRP B 40 -7.62 -8.06 -21.66
N PRO B 41 -7.50 -8.99 -20.69
CA PRO B 41 -8.74 -9.62 -20.24
C PRO B 41 -9.61 -8.55 -19.64
N ILE B 42 -10.88 -8.49 -20.06
CA ILE B 42 -11.86 -7.56 -19.51
C ILE B 42 -13.07 -8.31 -18.92
N ASP B 43 -12.91 -9.61 -18.65
CA ASP B 43 -14.00 -10.39 -18.04
C ASP B 43 -13.53 -11.79 -17.72
N PRO B 44 -13.20 -12.04 -16.45
CA PRO B 44 -13.27 -11.06 -15.36
C PRO B 44 -12.18 -9.96 -15.51
N LEU B 45 -12.53 -8.72 -15.19
CA LEU B 45 -11.57 -7.62 -15.16
C LEU B 45 -11.03 -7.36 -13.74
N VAL B 46 -9.70 -7.41 -13.60
CA VAL B 46 -9.03 -7.10 -12.32
C VAL B 46 -8.51 -5.66 -12.26
N VAL B 47 -8.96 -4.89 -11.26
CA VAL B 47 -8.45 -3.56 -10.95
C VAL B 47 -7.78 -3.58 -9.56
N THR B 48 -6.47 -3.56 -9.60
CA THR B 48 -5.60 -3.55 -8.47
C THR B 48 -5.96 -2.54 -7.42
N SER B 49 -6.49 -1.40 -7.82
CA SER B 49 -6.49 -0.24 -6.94
C SER B 49 -7.31 0.93 -7.47
N LEU B 50 -8.15 1.51 -6.67
CA LEU B 50 -8.97 2.59 -7.15
C LEU B 50 -9.37 3.42 -5.94
N ASP B 51 -9.09 4.70 -5.95
CA ASP B 51 -9.52 5.55 -4.85
C ASP B 51 -10.66 6.47 -5.32
N VAL B 52 -11.56 6.79 -4.40
CA VAL B 52 -12.73 7.57 -4.74
C VAL B 52 -13.02 8.59 -3.65
N ILE B 53 -13.07 9.86 -4.02
CA ILE B 53 -13.34 10.87 -3.02
C ILE B 53 -14.83 11.10 -2.92
N ALA B 54 -15.34 11.25 -1.70
CA ALA B 54 -16.75 11.50 -1.51
C ALA B 54 -17.04 12.88 -2.06
N PRO B 55 -17.91 13.00 -3.06
CA PRO B 55 -18.25 14.31 -3.60
C PRO B 55 -18.70 15.31 -2.52
N SER B 56 -19.47 14.86 -1.55
CA SER B 56 -19.98 15.82 -0.62
C SER B 56 -19.02 16.00 0.52
N ASP B 57 -17.79 15.51 0.37
CA ASP B 57 -16.81 15.73 1.43
C ASP B 57 -15.45 15.13 1.19
N ALA B 58 -14.51 15.97 0.82
CA ALA B 58 -13.26 15.44 0.33
C ALA B 58 -12.46 14.83 1.45
N GLY B 59 -12.96 14.97 2.66
CA GLY B 59 -12.25 14.36 3.79
C GLY B 59 -12.55 12.88 3.99
N ILE B 60 -13.43 12.33 3.15
CA ILE B 60 -13.77 10.92 3.12
C ILE B 60 -13.31 10.30 1.80
N VAL B 61 -12.45 9.27 1.85
CA VAL B 61 -12.04 8.54 0.66
C VAL B 61 -12.34 7.05 0.75
N ILE B 62 -12.84 6.47 -0.35
CA ILE B 62 -13.00 5.04 -0.40
C ILE B 62 -11.80 4.46 -1.13
N ARG B 63 -11.08 3.52 -0.52
CA ARG B 63 -9.95 2.90 -1.24
C ARG B 63 -10.37 1.45 -1.60
N PHE B 64 -10.47 1.15 -2.89
CA PHE B 64 -10.82 -0.18 -3.32
C PHE B 64 -9.53 -0.83 -3.68
N LYS B 65 -9.29 -2.03 -3.15
CA LYS B 65 -8.21 -2.88 -3.66
C LYS B 65 -8.71 -4.23 -4.22
N ASN B 66 -8.11 -4.71 -5.32
CA ASN B 66 -8.41 -6.07 -5.76
C ASN B 66 -9.84 -6.20 -6.30
N LEU B 67 -10.21 -5.33 -7.22
CA LEU B 67 -11.56 -5.34 -7.70
C LEU B 67 -11.63 -6.39 -8.79
N ASN B 68 -12.60 -7.29 -8.69
CA ASN B 68 -12.94 -8.25 -9.74
C ASN B 68 -14.26 -7.84 -10.37
N ILE B 69 -14.26 -7.46 -11.65
CA ILE B 69 -15.51 -7.18 -12.35
C ILE B 69 -15.83 -8.15 -13.49
N THR B 70 -16.99 -8.79 -13.39
CA THR B 70 -17.51 -9.67 -14.45
C THR B 70 -18.74 -9.00 -15.03
N GLY B 71 -18.96 -9.23 -16.32
CA GLY B 71 -20.12 -8.66 -16.98
C GLY B 71 -19.82 -7.90 -18.24
N LEU B 72 -18.56 -7.50 -18.42
CA LEU B 72 -18.24 -6.65 -19.56
C LEU B 72 -18.38 -7.37 -20.88
N LYS B 73 -17.94 -8.64 -20.92
CA LYS B 73 -18.16 -9.54 -22.09
C LYS B 73 -19.55 -9.42 -22.75
N ASN B 74 -20.60 -9.25 -21.95
CA ASN B 74 -21.97 -9.19 -22.47
C ASN B 74 -22.50 -7.78 -22.56
N GLN B 75 -21.57 -6.83 -22.56
CA GLN B 75 -21.92 -5.43 -22.66
C GLN B 75 -22.60 -5.13 -24.01
N GLN B 76 -23.28 -4.00 -24.13
CA GLN B 76 -23.94 -3.66 -25.39
C GLN B 76 -23.60 -2.31 -25.94
N ILE B 77 -23.19 -2.25 -27.19
CA ILE B 77 -22.92 -0.95 -27.77
C ILE B 77 -24.16 -0.40 -28.45
N SER B 78 -25.25 -0.32 -27.71
CA SER B 78 -26.47 0.23 -28.26
C SER B 78 -26.29 1.73 -28.50
N ASP B 79 -25.47 2.05 -29.49
CA ASP B 79 -25.45 3.37 -30.13
C ASP B 79 -24.06 3.95 -30.36
N PHE B 80 -23.89 4.54 -31.54
CA PHE B 80 -22.60 4.83 -32.13
C PHE B 80 -22.63 6.12 -32.97
N GLN B 81 -21.68 7.01 -32.78
CA GLN B 81 -21.63 8.17 -33.64
C GLN B 81 -20.25 8.54 -34.11
N MET B 82 -19.85 7.92 -35.21
CA MET B 82 -18.71 8.40 -35.95
C MET B 82 -19.04 9.73 -36.58
N ASP B 83 -18.02 10.39 -37.09
CA ASP B 83 -18.12 11.70 -37.65
C ASP B 83 -16.80 11.92 -38.37
N THR B 84 -16.75 11.38 -39.59
CA THR B 84 -15.57 11.39 -40.46
C THR B 84 -14.94 12.75 -40.63
N LYS B 85 -15.69 13.79 -40.34
CA LYS B 85 -15.16 15.09 -40.63
C LYS B 85 -14.48 15.69 -39.40
N ALA B 86 -15.21 15.85 -38.30
CA ALA B 86 -14.58 16.23 -37.02
C ALA B 86 -13.55 15.20 -36.52
N LYS B 87 -13.64 13.96 -36.98
CA LYS B 87 -12.72 12.94 -36.55
C LYS B 87 -12.94 12.60 -35.07
N THR B 88 -14.12 12.09 -34.76
CA THR B 88 -14.49 11.84 -33.38
C THR B 88 -15.46 10.71 -33.35
N VAL B 89 -15.63 10.12 -32.17
CA VAL B 89 -16.54 9.01 -31.97
C VAL B 89 -17.34 9.25 -30.69
N LEU B 90 -18.62 8.92 -30.73
CA LEU B 90 -19.45 8.91 -29.53
C LEU B 90 -19.99 7.51 -29.45
N LEU B 91 -19.96 6.93 -28.26
CA LEU B 91 -20.14 5.49 -28.16
C LEU B 91 -20.85 5.17 -26.86
N LYS B 92 -22.12 4.79 -26.96
CA LYS B 92 -22.93 4.62 -25.76
C LYS B 92 -22.95 3.16 -25.38
N THR B 93 -23.07 2.91 -24.08
CA THR B 93 -22.85 1.58 -23.55
C THR B 93 -23.81 1.30 -22.43
N LYS B 94 -24.09 0.03 -22.24
CA LYS B 94 -24.85 -0.42 -21.09
C LYS B 94 -24.28 -1.74 -20.64
N ALA B 95 -24.08 -1.88 -19.33
CA ALA B 95 -23.55 -3.14 -18.80
C ALA B 95 -24.15 -3.50 -17.45
N ASP B 96 -24.38 -4.78 -17.24
CA ASP B 96 -24.75 -5.32 -15.95
C ASP B 96 -23.38 -5.71 -15.39
N LEU B 97 -22.99 -5.18 -14.23
CA LEU B 97 -21.67 -5.52 -13.69
C LEU B 97 -21.76 -6.17 -12.32
N HIS B 98 -21.10 -7.30 -12.17
CA HIS B 98 -20.95 -7.81 -10.84
C HIS B 98 -19.57 -7.36 -10.35
N ILE B 99 -19.56 -6.59 -9.26
CA ILE B 99 -18.36 -6.06 -8.67
C ILE B 99 -18.11 -6.61 -7.27
N VAL B 100 -16.90 -7.13 -7.06
CA VAL B 100 -16.45 -7.62 -5.76
C VAL B 100 -15.03 -7.10 -5.52
N GLY B 101 -14.76 -6.57 -4.32
CA GLY B 101 -13.37 -6.27 -3.93
C GLY B 101 -13.24 -5.85 -2.47
N ASP B 102 -12.01 -5.66 -2.01
CA ASP B 102 -11.75 -5.16 -0.66
C ASP B 102 -11.97 -3.66 -0.57
N ILE B 103 -12.43 -3.21 0.59
CA ILE B 103 -12.71 -1.82 0.67
C ILE B 103 -12.23 -1.23 1.99
N VAL B 104 -11.52 -0.10 1.89
CA VAL B 104 -11.22 0.69 3.11
C VAL B 104 -12.00 1.98 3.04
N ILE B 105 -12.79 2.27 4.05
CA ILE B 105 -13.53 3.51 4.13
C ILE B 105 -12.73 4.40 5.07
N GLU B 106 -12.01 5.34 4.48
CA GLU B 106 -11.10 6.21 5.24
C GLU B 106 -11.73 7.57 5.55
N LEU B 107 -12.06 7.76 6.83
CA LEU B 107 -12.57 9.02 7.39
C LEU B 107 -11.39 9.87 7.86
N THR B 108 -10.71 10.45 6.91
CA THR B 108 -9.45 11.07 7.12
C THR B 108 -9.44 12.09 8.27
N GLU B 109 -10.50 12.84 8.43
CA GLU B 109 -10.45 13.89 9.41
C GLU B 109 -10.70 13.36 10.80
N GLN B 110 -11.05 12.08 10.88
CA GLN B 110 -11.24 11.49 12.19
C GLN B 110 -10.14 10.52 12.48
N SER B 111 -9.19 10.40 11.56
CA SER B 111 -8.05 9.56 11.79
C SER B 111 -8.46 8.09 11.96
N LYS B 112 -9.63 7.74 11.44
CA LYS B 112 -10.00 6.33 11.41
C LYS B 112 -10.48 5.82 10.09
N SER B 113 -10.34 4.53 9.88
CA SER B 113 -10.96 3.95 8.73
C SER B 113 -11.53 2.57 9.04
N PHE B 114 -12.32 2.05 8.12
CA PHE B 114 -13.02 0.80 8.30
C PHE B 114 -12.72 -0.10 7.13
N THR B 115 -12.52 -1.39 7.41
CA THR B 115 -12.05 -2.33 6.42
C THR B 115 -13.07 -3.43 6.25
N GLY B 116 -13.13 -4.05 5.09
CA GLY B 116 -14.11 -5.08 4.89
C GLY B 116 -14.13 -5.47 3.44
N LEU B 117 -15.25 -6.04 3.01
CA LEU B 117 -15.43 -6.44 1.64
C LEU B 117 -16.68 -5.73 1.06
N TYR B 118 -16.66 -5.58 -0.26
CA TYR B 118 -17.63 -4.77 -0.99
C TYR B 118 -18.05 -5.54 -2.24
N THR B 119 -19.35 -5.50 -2.47
CA THR B 119 -20.01 -6.28 -3.49
C THR B 119 -21.01 -5.33 -4.08
N ALA B 120 -21.04 -5.29 -5.39
CA ALA B 120 -21.93 -4.39 -6.03
C ALA B 120 -22.46 -5.03 -7.30
N ASP B 121 -23.77 -5.06 -7.39
CA ASP B 121 -24.44 -5.50 -8.61
C ASP B 121 -25.12 -4.28 -9.24
N THR B 122 -24.74 -3.96 -10.46
CA THR B 122 -25.25 -2.75 -11.05
C THR B 122 -25.29 -2.72 -12.57
N ASN B 123 -26.27 -1.95 -13.04
CA ASN B 123 -26.46 -1.66 -14.43
C ASN B 123 -25.98 -0.29 -14.81
N VAL B 124 -24.99 -0.24 -15.68
CA VAL B 124 -24.34 1.02 -15.92
C VAL B 124 -24.53 1.47 -17.37
N ILE B 125 -25.03 2.69 -17.52
CA ILE B 125 -25.25 3.24 -18.84
C ILE B 125 -24.24 4.36 -19.03
N GLY B 126 -23.43 4.25 -20.07
CA GLY B 126 -22.30 5.14 -20.20
C GLY B 126 -22.02 5.62 -21.62
N ALA B 127 -21.34 6.78 -21.70
CA ALA B 127 -20.92 7.36 -22.96
C ALA B 127 -19.40 7.40 -22.99
N VAL B 128 -18.85 7.19 -24.17
CA VAL B 128 -17.42 7.21 -24.37
C VAL B 128 -17.09 8.12 -25.55
N ARG B 129 -16.32 9.16 -25.32
CA ARG B 129 -15.94 10.04 -26.41
C ARG B 129 -14.43 10.04 -26.65
N TYR B 130 -14.03 9.97 -27.90
CA TYR B 130 -12.65 10.15 -28.20
C TYR B 130 -12.50 10.65 -29.61
N GLY B 131 -11.46 11.47 -29.82
CA GLY B 131 -11.04 11.85 -31.14
C GLY B 131 -10.19 10.74 -31.65
N TYR B 132 -9.66 10.90 -32.86
CA TYR B 132 -8.67 9.98 -33.40
C TYR B 132 -8.03 10.52 -34.68
N ASN B 133 -7.16 9.72 -35.26
CA ASN B 133 -6.64 10.07 -36.55
C ASN B 133 -6.29 8.85 -37.36
N LEU B 134 -5.90 9.08 -38.60
CA LEU B 134 -5.47 8.02 -39.46
C LEU B 134 -3.97 8.14 -39.57
N LYS B 135 -3.26 7.04 -39.41
CA LYS B 135 -1.84 7.07 -39.66
C LYS B 135 -1.51 5.82 -40.44
N ASN B 136 -0.50 5.89 -41.29
CA ASN B 136 -0.25 4.80 -42.22
C ASN B 136 1.00 4.13 -41.79
N ASP B 137 1.11 2.84 -42.10
CA ASP B 137 2.33 2.14 -41.82
C ASP B 137 3.39 2.93 -42.54
N ASP B 138 4.65 2.53 -42.39
CA ASP B 138 5.72 3.17 -43.14
C ASP B 138 5.52 2.73 -44.59
N ASN B 139 4.47 1.97 -44.83
CA ASN B 139 4.16 1.55 -46.19
C ASN B 139 2.69 1.78 -46.61
N GLY B 140 2.09 2.85 -46.10
CA GLY B 140 0.87 3.36 -46.65
C GLY B 140 -0.41 2.89 -46.02
N VAL B 141 -0.45 1.65 -45.52
CA VAL B 141 -1.71 1.13 -44.97
C VAL B 141 -2.29 1.97 -43.83
N GLN B 142 -3.58 2.23 -43.94
CA GLN B 142 -4.25 3.27 -43.14
C GLN B 142 -4.84 2.68 -41.87
N HIS B 143 -4.52 3.31 -40.73
CA HIS B 143 -4.87 2.81 -39.39
C HIS B 143 -5.52 3.89 -38.55
N PHE B 144 -6.58 3.52 -37.85
CA PHE B 144 -7.10 4.38 -36.80
C PHE B 144 -6.16 4.44 -35.60
N GLU B 145 -6.09 5.62 -34.98
CA GLU B 145 -5.46 5.77 -33.69
C GLU B 145 -6.46 6.40 -32.76
N VAL B 146 -7.07 5.57 -31.94
CA VAL B 146 -8.01 6.08 -30.98
C VAL B 146 -7.19 6.91 -30.02
N GLN B 147 -7.44 8.21 -29.98
CA GLN B 147 -6.83 9.12 -29.00
C GLN B 147 -7.39 8.92 -27.59
N PRO B 148 -6.82 9.59 -26.58
CA PRO B 148 -7.33 9.40 -25.23
C PRO B 148 -8.82 9.72 -25.10
N GLU B 149 -9.53 8.82 -24.45
CA GLU B 149 -10.97 8.84 -24.26
C GLU B 149 -11.38 9.71 -23.08
N THR B 150 -12.67 10.01 -22.99
CA THR B 150 -13.24 10.49 -21.76
C THR B 150 -14.57 9.78 -21.58
N PHE B 151 -14.87 9.41 -20.34
CA PHE B 151 -15.99 8.54 -20.05
C PHE B 151 -17.06 9.31 -19.28
N THR B 152 -18.32 9.14 -19.68
CA THR B 152 -19.38 9.72 -18.89
C THR B 152 -20.23 8.64 -18.33
N CYS B 153 -20.51 8.79 -17.05
CA CYS B 153 -21.38 7.88 -16.32
C CYS B 153 -22.84 8.36 -16.47
N GLU B 154 -23.53 7.95 -17.51
CA GLU B 154 -24.84 8.54 -17.68
C GLU B 154 -25.81 8.00 -16.66
N SER B 155 -25.73 6.70 -16.38
CA SER B 155 -26.68 6.12 -15.43
C SER B 155 -26.23 4.81 -14.77
N ILE B 156 -26.38 4.71 -13.45
CA ILE B 156 -26.08 3.49 -12.71
C ILE B 156 -27.29 2.66 -12.27
N GLY B 157 -28.51 3.07 -12.62
CA GLY B 157 -29.69 2.29 -12.27
C GLY B 157 -29.97 2.29 -10.79
N GLU B 158 -30.49 1.16 -10.26
CA GLU B 158 -30.69 1.00 -8.82
C GLU B 158 -29.75 -0.10 -8.31
N PRO B 159 -28.54 0.28 -7.88
CA PRO B 159 -27.48 -0.66 -7.54
C PRO B 159 -27.82 -1.54 -6.34
N LYS B 160 -27.20 -2.71 -6.23
CA LYS B 160 -27.27 -3.50 -5.00
C LYS B 160 -25.87 -3.66 -4.42
N ILE B 161 -25.69 -3.09 -3.24
CA ILE B 161 -24.41 -3.02 -2.60
C ILE B 161 -24.45 -3.79 -1.31
N THR B 162 -23.53 -4.70 -1.11
CA THR B 162 -23.44 -5.33 0.18
C THR B 162 -22.09 -5.02 0.77
N LEU B 163 -22.03 -4.98 2.09
CA LEU B 163 -20.76 -4.90 2.78
C LEU B 163 -20.67 -6.16 3.62
N SER B 164 -19.47 -6.71 3.79
CA SER B 164 -19.33 -7.81 4.73
C SER B 164 -19.88 -7.29 6.06
N SER B 165 -20.34 -8.20 6.92
CA SER B 165 -21.14 -7.78 8.09
C SER B 165 -20.27 -7.30 9.20
N ASP B 166 -19.02 -7.78 9.22
CA ASP B 166 -17.99 -7.21 10.09
C ASP B 166 -17.98 -5.68 9.90
N LEU B 167 -17.80 -5.27 8.65
CA LEU B 167 -17.60 -3.89 8.31
C LEU B 167 -18.90 -3.13 8.61
N SER B 168 -19.97 -3.83 8.31
CA SER B 168 -21.30 -3.34 8.51
C SER B 168 -21.65 -3.05 9.97
N SER B 169 -21.34 -3.97 10.89
CA SER B 169 -21.58 -3.65 12.31
C SER B 169 -20.64 -2.60 12.75
N ALA B 170 -19.39 -2.68 12.28
CA ALA B 170 -18.41 -1.70 12.70
C ALA B 170 -18.92 -0.29 12.34
N LEU B 171 -19.43 -0.12 11.12
CA LEU B 171 -19.91 1.18 10.70
C LEU B 171 -21.12 1.50 11.58
N GLU B 172 -21.95 0.48 11.81
CA GLU B 172 -23.09 0.64 12.69
C GLU B 172 -22.68 1.14 14.05
N LYS B 173 -21.82 0.45 14.78
CA LYS B 173 -21.44 1.02 16.07
C LYS B 173 -20.77 2.40 16.01
N ASP B 174 -19.82 2.61 15.11
CA ASP B 174 -19.19 3.91 15.13
C ASP B 174 -20.21 5.03 14.94
N SER B 175 -21.09 4.87 13.95
CA SER B 175 -22.08 5.90 13.61
C SER B 175 -23.08 6.19 14.73
N GLY B 176 -22.70 5.82 15.96
CA GLY B 176 -23.56 6.05 17.12
C GLY B 176 -24.01 4.72 17.69
N ASN B 177 -23.47 4.37 18.85
CA ASN B 177 -23.72 3.06 19.51
C ASN B 177 -23.67 1.83 18.60
N PRO B 182 -28.20 3.81 7.24
CA PRO B 182 -27.97 5.25 7.03
C PRO B 182 -27.66 5.56 5.57
N ASP B 183 -28.65 5.95 4.75
CA ASP B 183 -28.37 6.01 3.30
C ASP B 183 -29.30 6.74 2.31
N MET B 184 -29.95 7.84 2.70
CA MET B 184 -30.61 8.65 1.67
C MET B 184 -29.64 9.67 1.07
N GLU B 185 -29.42 10.79 1.76
CA GLU B 185 -28.34 11.70 1.36
C GLU B 185 -27.37 11.82 2.54
N PRO B 186 -26.14 12.33 2.28
CA PRO B 186 -25.56 12.63 0.97
C PRO B 186 -24.77 11.42 0.50
N LEU B 187 -24.57 10.47 1.41
CA LEU B 187 -23.83 9.25 1.11
C LEU B 187 -24.47 8.61 -0.12
N LYS B 188 -25.67 9.07 -0.45
CA LYS B 188 -26.28 8.70 -1.72
C LYS B 188 -25.32 9.00 -2.87
N THR B 189 -24.72 10.18 -2.87
CA THR B 189 -23.87 10.51 -3.99
C THR B 189 -22.54 9.79 -3.91
N LEU B 190 -22.19 9.23 -2.75
CA LEU B 190 -20.94 8.47 -2.64
C LEU B 190 -21.04 7.08 -3.30
N ARG B 191 -22.14 6.40 -3.01
CA ARG B 191 -22.55 5.20 -3.72
C ARG B 191 -22.49 5.47 -5.23
N GLN B 192 -23.12 6.55 -5.66
CA GLN B 192 -23.06 6.97 -7.05
C GLN B 192 -21.59 7.11 -7.49
N ALA B 193 -20.86 7.96 -6.79
CA ALA B 193 -19.47 8.19 -7.09
C ALA B 193 -18.64 6.89 -7.21
N ALA B 194 -18.70 6.01 -6.21
CA ALA B 194 -17.91 4.78 -6.32
C ALA B 194 -18.20 4.00 -7.63
N ILE B 195 -19.48 3.74 -7.94
CA ILE B 195 -19.83 3.02 -9.19
C ILE B 195 -19.27 3.65 -10.49
N CYS B 196 -19.48 4.95 -10.65
CA CYS B 196 -18.98 5.65 -11.84
C CYS B 196 -17.47 5.58 -11.89
N LYS B 197 -16.82 5.62 -10.73
CA LYS B 197 -15.39 5.64 -10.71
C LYS B 197 -14.96 4.28 -11.21
N ILE B 198 -15.64 3.26 -10.70
CA ILE B 198 -15.34 1.90 -11.15
C ILE B 198 -15.70 1.65 -12.59
N ALA B 199 -16.86 2.16 -13.01
CA ALA B 199 -17.27 1.99 -14.39
C ALA B 199 -16.21 2.66 -15.25
N GLU B 200 -15.78 3.84 -14.81
CA GLU B 200 -14.74 4.54 -15.55
C GLU B 200 -13.52 3.66 -15.73
N ALA B 201 -13.05 3.05 -14.65
CA ALA B 201 -11.89 2.18 -14.76
C ALA B 201 -12.13 1.03 -15.77
N CYS B 202 -13.34 0.49 -15.80
CA CYS B 202 -13.67 -0.59 -16.73
C CYS B 202 -13.61 -0.13 -18.19
N TYR B 203 -14.19 1.03 -18.47
CA TYR B 203 -14.17 1.52 -19.83
C TYR B 203 -12.84 2.03 -20.28
N ILE B 204 -11.94 2.28 -19.34
CA ILE B 204 -10.61 2.66 -19.75
C ILE B 204 -10.02 1.42 -20.38
N SER B 205 -10.35 0.26 -19.82
CA SER B 205 -9.67 -0.88 -20.40
C SER B 205 -10.41 -1.50 -21.57
N VAL B 206 -11.72 -1.32 -21.67
CA VAL B 206 -12.44 -1.69 -22.90
C VAL B 206 -11.86 -0.83 -24.03
N VAL B 207 -11.70 0.46 -23.77
CA VAL B 207 -11.17 1.32 -24.79
C VAL B 207 -9.72 1.03 -25.09
N HIS B 208 -8.93 0.65 -24.08
CA HIS B 208 -7.60 0.14 -24.38
C HIS B 208 -7.67 -0.91 -25.49
N ASN B 209 -8.71 -1.75 -25.45
CA ASN B 209 -8.76 -2.90 -26.35
C ASN B 209 -9.30 -2.54 -27.74
N ILE B 210 -10.22 -1.60 -27.79
CA ILE B 210 -10.56 -0.99 -29.05
C ILE B 210 -9.26 -0.36 -29.61
N ARG B 211 -8.52 0.38 -28.78
CA ARG B 211 -7.36 1.09 -29.29
C ARG B 211 -6.37 0.09 -29.78
N ALA B 212 -6.41 -1.09 -29.18
CA ALA B 212 -5.40 -2.09 -29.47
C ALA B 212 -5.66 -2.63 -30.84
N SER B 213 -6.91 -2.90 -31.16
CA SER B 213 -7.20 -3.56 -32.41
C SER B 213 -7.01 -2.56 -33.55
N ALA B 214 -7.37 -1.31 -33.30
CA ALA B 214 -7.02 -0.26 -34.23
C ALA B 214 -5.57 -0.41 -34.63
N LYS B 215 -4.70 -0.82 -33.72
CA LYS B 215 -3.29 -0.99 -34.09
C LYS B 215 -3.04 -2.27 -34.86
N ILE B 216 -3.88 -3.26 -34.69
CA ILE B 216 -3.64 -4.58 -35.28
C ILE B 216 -4.32 -4.67 -36.64
N LEU B 217 -5.19 -3.71 -36.93
CA LEU B 217 -6.04 -3.82 -38.09
C LEU B 217 -6.04 -2.56 -38.92
N PRO B 218 -5.92 -2.72 -40.24
CA PRO B 218 -5.86 -1.60 -41.17
C PRO B 218 -7.23 -1.00 -41.13
N ALA B 219 -7.31 0.33 -41.20
CA ALA B 219 -8.59 1.02 -41.11
C ALA B 219 -9.70 0.36 -41.96
N SER B 220 -9.28 -0.29 -43.05
CA SER B 220 -10.20 -1.00 -43.93
C SER B 220 -10.79 -2.21 -43.23
N SER B 221 -9.95 -3.05 -42.64
CA SER B 221 -10.43 -4.26 -41.96
C SER B 221 -11.69 -3.95 -41.17
N PHE B 222 -12.03 -2.66 -41.11
CA PHE B 222 -13.20 -2.20 -40.35
C PHE B 222 -14.33 -1.70 -41.26
N PHE B 223 -14.26 -2.03 -42.54
CA PHE B 223 -15.38 -1.82 -43.46
C PHE B 223 -14.98 -1.57 -44.93
N GLU B 224 -15.20 -2.58 -45.78
CA GLU B 224 -14.84 -2.54 -47.20
C GLU B 224 -16.10 -2.28 -48.03
N LEU C 7 -16.93 -28.04 22.41
CA LEU C 7 -15.74 -27.33 21.86
C LEU C 7 -14.50 -28.25 21.84
N LEU C 8 -14.02 -28.61 23.02
CA LEU C 8 -12.86 -29.53 23.17
C LEU C 8 -13.20 -30.76 24.01
N LYS C 9 -12.38 -31.79 23.89
CA LYS C 9 -12.53 -32.98 24.74
C LYS C 9 -11.53 -32.95 25.91
N PRO C 10 -11.98 -33.41 27.09
CA PRO C 10 -11.16 -33.32 28.30
C PRO C 10 -10.21 -34.52 28.41
N CYS C 11 -9.00 -34.29 28.88
CA CYS C 11 -8.00 -35.34 29.01
C CYS C 11 -7.53 -35.48 30.42
N LYS C 12 -6.84 -36.58 30.65
CA LYS C 12 -6.11 -36.77 31.88
C LYS C 12 -4.78 -36.06 31.78
N LEU C 13 -4.51 -35.19 32.74
CA LEU C 13 -3.26 -34.46 32.79
C LEU C 13 -2.10 -35.41 32.54
N GLY C 14 -1.18 -35.02 31.67
CA GLY C 14 -0.11 -35.92 31.27
C GLY C 14 -0.39 -36.75 30.03
N ASP C 15 -1.66 -37.01 29.71
CA ASP C 15 -1.94 -37.84 28.54
C ASP C 15 -1.64 -37.08 27.25
N MET C 16 -0.39 -37.16 26.84
CA MET C 16 0.10 -36.35 25.75
C MET C 16 -0.55 -36.69 24.41
N GLN C 17 -0.91 -37.94 24.19
CA GLN C 17 -1.50 -38.30 22.91
C GLN C 17 -2.92 -37.80 22.85
N CYS C 18 -3.53 -37.73 24.02
CA CYS C 18 -4.85 -37.19 24.13
C CYS C 18 -4.88 -35.69 23.78
N LEU C 19 -3.96 -34.93 24.35
CA LEU C 19 -3.78 -33.53 24.03
C LEU C 19 -3.72 -33.23 22.52
N SER C 20 -2.84 -33.92 21.78
CA SER C 20 -2.71 -33.67 20.33
C SER C 20 -4.00 -33.88 19.60
N SER C 21 -4.66 -34.96 19.96
CA SER C 21 -5.83 -35.33 19.23
C SER C 21 -6.89 -34.26 19.44
N ALA C 22 -6.92 -33.71 20.65
CA ALA C 22 -7.94 -32.75 20.99
C ALA C 22 -7.68 -31.37 20.34
N THR C 23 -6.45 -30.87 20.49
CA THR C 23 -6.02 -29.66 19.81
C THR C 23 -6.35 -29.75 18.35
N GLU C 24 -5.94 -30.86 17.75
CA GLU C 24 -6.17 -31.11 16.35
C GLU C 24 -7.65 -31.07 16.04
N GLN C 25 -8.48 -31.76 16.81
CA GLN C 25 -9.90 -31.83 16.46
C GLN C 25 -10.51 -30.45 16.56
N PHE C 26 -10.08 -29.70 17.57
CA PHE C 26 -10.59 -28.34 17.77
C PHE C 26 -10.24 -27.42 16.59
N LEU C 27 -9.00 -27.52 16.09
CA LEU C 27 -8.60 -26.76 14.93
C LEU C 27 -9.36 -27.14 13.66
N GLU C 28 -9.57 -28.45 13.42
CA GLU C 28 -10.24 -29.00 12.22
C GLU C 28 -11.67 -28.41 12.29
N LYS C 29 -12.37 -28.63 13.41
CA LYS C 29 -13.76 -28.18 13.57
C LYS C 29 -13.99 -26.66 13.42
N THR C 30 -13.21 -25.85 14.15
CA THR C 30 -13.51 -24.42 14.12
C THR C 30 -12.79 -23.69 13.00
N SER C 31 -12.31 -24.46 12.01
CA SER C 31 -11.34 -23.93 11.06
C SER C 31 -11.90 -22.88 10.12
N LYS C 32 -13.20 -22.62 10.19
CA LYS C 32 -13.84 -21.60 9.39
C LYS C 32 -14.16 -20.44 10.30
N GLY C 33 -13.93 -20.65 11.59
CA GLY C 33 -13.90 -19.55 12.53
C GLY C 33 -15.23 -19.36 13.21
N ILE C 34 -15.21 -18.93 14.46
CA ILE C 34 -16.40 -18.56 15.17
C ILE C 34 -16.22 -17.11 15.66
N PRO C 35 -16.74 -16.16 14.88
CA PRO C 35 -16.47 -14.77 15.20
C PRO C 35 -16.79 -14.39 16.64
N GLN C 36 -17.85 -14.93 17.21
CA GLN C 36 -18.26 -14.48 18.54
C GLN C 36 -17.32 -15.01 19.62
N TYR C 37 -16.37 -15.87 19.25
CA TYR C 37 -15.35 -16.31 20.18
C TYR C 37 -13.97 -15.91 19.78
N ASP C 38 -13.83 -15.02 18.80
CA ASP C 38 -12.52 -14.69 18.28
C ASP C 38 -11.77 -16.01 18.02
N ILE C 39 -12.39 -16.90 17.25
CA ILE C 39 -11.64 -17.98 16.70
C ILE C 39 -11.58 -17.68 15.21
N TRP C 40 -10.39 -17.59 14.64
CA TRP C 40 -10.30 -17.09 13.28
C TRP C 40 -10.49 -18.20 12.29
N PRO C 41 -10.87 -17.84 11.06
CA PRO C 41 -10.84 -18.75 9.90
C PRO C 41 -9.40 -19.10 9.58
N ILE C 42 -9.04 -20.38 9.56
CA ILE C 42 -7.66 -20.80 9.19
C ILE C 42 -7.60 -21.65 7.94
N ASP C 43 -8.75 -21.83 7.31
CA ASP C 43 -8.80 -22.56 6.07
C ASP C 43 -10.12 -22.27 5.38
N PRO C 44 -10.09 -21.43 4.33
CA PRO C 44 -8.85 -20.74 3.88
C PRO C 44 -8.38 -19.62 4.82
N LEU C 45 -7.07 -19.49 5.00
CA LEU C 45 -6.46 -18.43 5.83
C LEU C 45 -6.00 -17.30 4.93
N VAL C 46 -6.43 -16.10 5.19
CA VAL C 46 -6.01 -14.97 4.38
C VAL C 46 -4.98 -14.11 5.10
N VAL C 47 -3.87 -13.80 4.44
CA VAL C 47 -2.76 -12.97 4.97
C VAL C 47 -2.65 -11.81 4.03
N THR C 48 -3.00 -10.62 4.54
CA THR C 48 -3.17 -9.46 3.67
C THR C 48 -1.81 -8.97 3.18
N SER C 49 -0.78 -9.03 4.01
CA SER C 49 0.53 -8.85 3.43
C SER C 49 1.67 -9.38 4.27
N LEU C 50 2.79 -9.68 3.63
CA LEU C 50 3.93 -10.24 4.32
C LEU C 50 5.15 -9.88 3.49
N ASP C 51 6.25 -9.58 4.14
CA ASP C 51 7.46 -9.20 3.42
C ASP C 51 8.62 -10.08 3.85
N VAL C 52 9.47 -10.45 2.91
CA VAL C 52 10.58 -11.35 3.21
C VAL C 52 11.89 -10.84 2.65
N ILE C 53 12.89 -10.65 3.53
CA ILE C 53 14.21 -10.26 3.08
C ILE C 53 14.94 -11.45 2.52
N ALA C 54 15.66 -11.28 1.43
CA ALA C 54 16.54 -12.35 0.97
C ALA C 54 17.66 -12.48 1.99
N PRO C 55 17.80 -13.67 2.59
CA PRO C 55 18.81 -13.90 3.64
C PRO C 55 20.24 -13.61 3.16
N SER C 56 20.46 -13.74 1.87
CA SER C 56 21.78 -13.65 1.32
C SER C 56 22.06 -12.25 0.78
N ASP C 57 21.07 -11.36 0.88
CA ASP C 57 21.15 -10.03 0.26
C ASP C 57 20.00 -9.13 0.71
N ALA C 58 20.28 -8.34 1.72
CA ALA C 58 19.29 -7.50 2.39
C ALA C 58 18.76 -6.40 1.47
N GLY C 59 19.38 -6.24 0.30
CA GLY C 59 18.87 -5.33 -0.68
C GLY C 59 17.81 -5.96 -1.58
N ILE C 60 17.36 -7.18 -1.26
CA ILE C 60 16.26 -7.79 -2.03
C ILE C 60 15.08 -8.12 -1.11
N VAL C 61 13.87 -7.67 -1.48
CA VAL C 61 12.73 -7.97 -0.64
C VAL C 61 11.56 -8.55 -1.44
N ILE C 62 10.92 -9.61 -0.90
CA ILE C 62 9.70 -10.12 -1.52
C ILE C 62 8.55 -9.66 -0.69
N ARG C 63 7.61 -8.98 -1.31
CA ARG C 63 6.45 -8.50 -0.58
C ARG C 63 5.27 -9.29 -1.13
N PHE C 64 4.55 -10.00 -0.27
CA PHE C 64 3.41 -10.75 -0.71
C PHE C 64 2.17 -10.00 -0.28
N LYS C 65 1.12 -10.09 -1.10
CA LYS C 65 -0.17 -9.53 -0.76
C LYS C 65 -1.32 -10.46 -1.10
N ASN C 66 -2.38 -10.39 -0.29
CA ASN C 66 -3.52 -11.30 -0.42
C ASN C 66 -3.11 -12.72 -0.56
N LEU C 67 -2.20 -13.16 0.29
CA LEU C 67 -1.92 -14.55 0.37
C LEU C 67 -3.19 -15.24 0.83
N ASN C 68 -3.47 -16.36 0.19
CA ASN C 68 -4.64 -17.19 0.47
C ASN C 68 -4.14 -18.62 0.70
N ILE C 69 -4.36 -19.18 1.86
CA ILE C 69 -3.70 -20.44 2.14
C ILE C 69 -4.67 -21.54 2.55
N THR C 70 -4.65 -22.65 1.82
CA THR C 70 -5.56 -23.76 2.16
C THR C 70 -4.74 -24.95 2.51
N GLY C 71 -5.34 -25.82 3.30
CA GLY C 71 -4.76 -27.03 3.76
C GLY C 71 -4.57 -27.07 5.25
N LEU C 72 -4.63 -25.94 5.94
CA LEU C 72 -4.36 -26.01 7.38
C LEU C 72 -5.37 -26.91 8.12
N LYS C 73 -6.59 -26.98 7.59
CA LYS C 73 -7.61 -27.78 8.23
C LYS C 73 -7.30 -29.30 8.26
N ASN C 74 -6.42 -29.77 7.38
CA ASN C 74 -5.93 -31.13 7.49
C ASN C 74 -4.60 -31.30 8.19
N GLN C 75 -4.07 -30.25 8.79
CA GLN C 75 -2.75 -30.42 9.37
C GLN C 75 -2.70 -31.55 10.39
N GLN C 76 -1.52 -32.07 10.72
CA GLN C 76 -1.42 -33.07 11.79
C GLN C 76 -0.67 -32.54 13.02
N ILE C 77 -1.33 -32.46 14.16
CA ILE C 77 -0.62 -32.08 15.37
C ILE C 77 0.11 -33.31 15.85
N SER C 78 1.32 -33.49 15.35
CA SER C 78 1.97 -34.79 15.35
C SER C 78 3.00 -34.94 16.46
N ASP C 79 2.56 -34.66 17.69
CA ASP C 79 3.28 -34.97 18.92
C ASP C 79 2.98 -33.79 19.77
N PHE C 80 3.02 -33.96 21.11
CA PHE C 80 2.59 -32.91 22.05
C PHE C 80 3.15 -33.11 23.44
N GLN C 81 3.98 -32.17 23.90
CA GLN C 81 4.62 -32.32 25.19
C GLN C 81 4.42 -31.10 26.03
N MET C 82 3.85 -31.30 27.23
CA MET C 82 3.53 -30.22 28.14
C MET C 82 4.34 -30.33 29.41
N ASP C 83 5.22 -29.39 29.66
CA ASP C 83 6.02 -29.42 30.87
C ASP C 83 5.40 -28.50 31.89
N THR C 84 4.82 -29.10 32.93
CA THR C 84 4.06 -28.34 33.91
C THR C 84 4.90 -27.83 35.09
N LYS C 85 6.20 -28.07 35.06
CA LYS C 85 7.11 -27.42 36.00
C LYS C 85 7.57 -26.09 35.39
N ALA C 86 8.21 -26.16 34.22
CA ALA C 86 8.51 -24.94 33.47
C ALA C 86 7.20 -24.26 33.07
N LYS C 87 6.18 -25.06 32.79
CA LYS C 87 4.92 -24.56 32.28
C LYS C 87 5.08 -24.12 30.82
N THR C 88 5.45 -25.09 30.00
CA THR C 88 5.66 -24.85 28.59
C THR C 88 4.95 -25.90 27.78
N VAL C 89 4.82 -25.62 26.49
CA VAL C 89 4.23 -26.53 25.55
C VAL C 89 5.16 -26.52 24.37
N LEU C 90 5.33 -27.69 23.76
CA LEU C 90 6.00 -27.86 22.50
C LEU C 90 5.02 -28.71 21.72
N LEU C 91 4.89 -28.47 20.42
CA LEU C 91 4.08 -29.37 19.61
C LEU C 91 4.54 -29.30 18.13
N LYS C 92 4.62 -30.44 17.46
CA LYS C 92 5.21 -30.47 16.13
C LYS C 92 4.06 -30.63 15.20
N THR C 93 4.19 -30.03 14.03
CA THR C 93 3.04 -29.87 13.13
C THR C 93 3.47 -30.33 11.74
N LYS C 94 2.49 -30.56 10.86
CA LYS C 94 2.76 -31.02 9.50
C LYS C 94 1.52 -30.66 8.72
N ALA C 95 1.69 -30.15 7.51
CA ALA C 95 0.54 -29.68 6.79
C ALA C 95 0.88 -29.64 5.34
N ASP C 96 -0.14 -29.75 4.50
CA ASP C 96 0.04 -29.44 3.10
C ASP C 96 -0.62 -28.15 2.76
N LEU C 97 0.15 -27.26 2.15
CA LEU C 97 -0.32 -25.90 2.05
C LEU C 97 -0.36 -25.58 0.62
N HIS C 98 -1.48 -24.99 0.20
CA HIS C 98 -1.64 -24.45 -1.13
C HIS C 98 -1.75 -22.95 -0.94
N ILE C 99 -0.83 -22.23 -1.54
CA ILE C 99 -0.63 -20.81 -1.27
C ILE C 99 -0.76 -20.10 -2.58
N VAL C 100 -1.57 -19.06 -2.61
CA VAL C 100 -1.72 -18.23 -3.80
C VAL C 100 -1.80 -16.77 -3.40
N GLY C 101 -1.09 -15.93 -4.10
CA GLY C 101 -1.04 -14.57 -3.69
C GLY C 101 -0.32 -13.77 -4.73
N ASP C 102 -0.51 -12.44 -4.67
CA ASP C 102 0.32 -11.48 -5.40
C ASP C 102 1.70 -11.38 -4.81
N ILE C 103 2.68 -11.21 -5.70
CA ILE C 103 4.04 -11.06 -5.29
C ILE C 103 4.69 -9.88 -5.97
N VAL C 104 5.52 -9.16 -5.22
CA VAL C 104 6.41 -8.17 -5.77
C VAL C 104 7.87 -8.45 -5.44
N ILE C 105 8.74 -8.59 -6.45
CA ILE C 105 10.15 -8.84 -6.16
C ILE C 105 10.94 -7.54 -6.31
N GLU C 106 11.33 -7.00 -5.19
CA GLU C 106 11.91 -5.69 -5.19
C GLU C 106 13.45 -5.79 -5.13
N LEU C 107 14.12 -5.41 -6.20
CA LEU C 107 15.56 -5.20 -6.13
C LEU C 107 15.88 -3.70 -5.85
N THR C 108 15.83 -3.34 -4.57
CA THR C 108 15.93 -1.95 -4.17
C THR C 108 17.22 -1.35 -4.68
N GLU C 109 18.31 -2.11 -4.64
CA GLU C 109 19.60 -1.54 -5.05
C GLU C 109 19.62 -1.31 -6.53
N GLN C 110 18.68 -1.90 -7.25
CA GLN C 110 18.61 -1.65 -8.70
C GLN C 110 17.39 -0.78 -9.06
N SER C 111 16.67 -0.32 -8.04
CA SER C 111 15.61 0.63 -8.34
C SER C 111 14.48 0.02 -9.20
N LYS C 112 14.30 -1.30 -9.20
CA LYS C 112 13.19 -1.86 -9.93
C LYS C 112 12.65 -3.09 -9.24
N SER C 113 11.50 -3.55 -9.73
CA SER C 113 10.70 -4.58 -9.11
C SER C 113 10.00 -5.41 -10.16
N PHE C 114 9.53 -6.60 -9.81
CA PHE C 114 8.73 -7.39 -10.74
C PHE C 114 7.47 -7.80 -10.04
N THR C 115 6.40 -8.01 -10.78
CA THR C 115 5.15 -8.28 -10.15
C THR C 115 4.41 -9.41 -10.83
N GLY C 116 3.62 -10.14 -10.04
CA GLY C 116 2.58 -10.97 -10.62
C GLY C 116 2.03 -11.94 -9.60
N LEU C 117 1.83 -13.19 -10.05
CA LEU C 117 1.22 -14.18 -9.14
C LEU C 117 2.17 -15.32 -8.75
N TYR C 118 1.97 -15.78 -7.52
CA TYR C 118 2.79 -16.76 -6.87
C TYR C 118 1.86 -17.85 -6.36
N THR C 119 2.23 -19.09 -6.61
CA THR C 119 1.48 -20.24 -6.15
C THR C 119 2.52 -21.23 -5.66
N ALA C 120 2.16 -21.92 -4.58
CA ALA C 120 3.09 -22.81 -4.00
C ALA C 120 2.43 -23.98 -3.30
N ASP C 121 2.88 -25.17 -3.64
CA ASP C 121 2.56 -26.34 -2.84
C ASP C 121 3.75 -26.79 -2.01
N THR C 122 3.48 -27.14 -0.77
CA THR C 122 4.57 -27.35 0.12
C THR C 122 4.08 -28.17 1.29
N ASN C 123 4.93 -29.06 1.75
CA ASN C 123 4.58 -29.87 2.88
C ASN C 123 5.44 -29.40 4.01
N VAL C 124 4.87 -28.68 4.96
CA VAL C 124 5.67 -28.04 5.96
C VAL C 124 5.67 -28.83 7.21
N ILE C 125 6.84 -29.01 7.78
CA ILE C 125 6.90 -29.54 9.11
C ILE C 125 7.53 -28.49 10.01
N GLY C 126 6.94 -28.23 11.15
CA GLY C 126 7.50 -27.21 12.02
C GLY C 126 7.17 -27.51 13.46
N ALA C 127 7.67 -26.65 14.35
CA ALA C 127 7.50 -26.78 15.80
C ALA C 127 6.96 -25.48 16.38
N VAL C 128 5.98 -25.57 17.27
CA VAL C 128 5.47 -24.39 17.94
C VAL C 128 5.96 -24.48 19.38
N ARG C 129 6.45 -23.42 19.95
CA ARG C 129 6.74 -23.43 21.39
C ARG C 129 6.18 -22.20 22.11
N TYR C 130 5.65 -22.38 23.33
CA TYR C 130 5.28 -21.25 24.17
C TYR C 130 5.26 -21.55 25.66
N GLY C 131 5.40 -20.53 26.48
CA GLY C 131 5.00 -20.61 27.84
C GLY C 131 3.48 -20.50 27.96
N TYR C 132 2.99 -20.82 29.16
CA TYR C 132 1.63 -20.53 29.54
C TYR C 132 1.69 -20.16 31.01
N ASN C 133 0.72 -19.42 31.48
CA ASN C 133 0.53 -19.35 32.92
C ASN C 133 -0.97 -19.24 33.19
N LEU C 134 -1.34 -19.31 34.46
CA LEU C 134 -2.74 -19.36 34.83
C LEU C 134 -3.15 -18.00 35.30
N LYS C 135 -4.15 -17.40 34.67
CA LYS C 135 -4.70 -16.16 35.19
C LYS C 135 -6.12 -16.32 35.76
N ASN C 136 -6.55 -15.36 36.57
CA ASN C 136 -7.75 -15.52 37.34
C ASN C 136 -8.86 -14.58 36.95
N ASP C 137 -10.04 -15.10 36.60
CA ASP C 137 -11.22 -14.25 36.47
C ASP C 137 -11.48 -13.40 37.75
N ASP C 138 -12.35 -12.42 37.65
CA ASP C 138 -12.73 -11.71 38.85
C ASP C 138 -13.37 -12.65 39.89
N ASN C 139 -14.04 -13.70 39.44
CA ASN C 139 -14.69 -14.57 40.39
C ASN C 139 -13.76 -15.65 40.85
N GLY C 140 -12.49 -15.56 40.46
CA GLY C 140 -11.50 -16.52 40.91
C GLY C 140 -11.22 -17.70 39.99
N VAL C 141 -12.00 -17.83 38.91
CA VAL C 141 -11.75 -18.95 38.02
C VAL C 141 -10.45 -18.75 37.23
N GLN C 142 -9.68 -19.82 37.10
CA GLN C 142 -8.46 -19.92 36.32
C GLN C 142 -8.61 -20.23 34.85
N HIS C 143 -7.78 -19.55 34.05
CA HIS C 143 -7.65 -19.90 32.64
C HIS C 143 -6.18 -20.10 32.30
N PHE C 144 -5.92 -20.98 31.33
CA PHE C 144 -4.58 -20.97 30.77
C PHE C 144 -4.43 -19.71 29.95
N GLU C 145 -3.40 -18.92 30.23
CA GLU C 145 -3.01 -17.83 29.35
C GLU C 145 -1.86 -18.35 28.46
N VAL C 146 -2.09 -18.45 27.15
CA VAL C 146 -1.03 -18.88 26.25
C VAL C 146 -0.19 -17.65 25.90
N GLN C 147 1.09 -17.69 26.18
CA GLN C 147 1.97 -16.61 25.84
C GLN C 147 2.44 -16.68 24.39
N PRO C 148 3.08 -15.62 23.88
CA PRO C 148 3.56 -15.56 22.49
C PRO C 148 4.45 -16.73 22.15
N GLU C 149 4.23 -17.31 20.97
CA GLU C 149 4.93 -18.52 20.58
C GLU C 149 6.14 -18.23 19.73
N THR C 150 6.98 -19.21 19.52
CA THR C 150 7.87 -19.10 18.40
C THR C 150 7.56 -20.34 17.59
N PHE C 151 7.74 -20.25 16.28
CA PHE C 151 7.50 -21.32 15.38
C PHE C 151 8.80 -21.65 14.69
N THR C 152 9.12 -22.92 14.54
CA THR C 152 10.33 -23.28 13.88
C THR C 152 10.04 -24.08 12.64
N CYS C 153 10.45 -23.54 11.51
CA CYS C 153 10.26 -24.16 10.24
C CYS C 153 11.33 -25.23 10.07
N GLU C 154 11.04 -26.44 10.53
CA GLU C 154 12.02 -27.49 10.49
C GLU C 154 12.21 -28.02 9.10
N SER C 155 11.21 -27.85 8.24
CA SER C 155 11.23 -28.55 6.97
C SER C 155 10.13 -28.18 5.95
N ILE C 156 10.48 -28.09 4.67
CA ILE C 156 9.50 -27.74 3.64
C ILE C 156 9.51 -28.71 2.46
N GLY C 157 10.18 -29.84 2.63
CA GLY C 157 10.21 -30.89 1.61
C GLY C 157 10.55 -30.28 0.27
N GLU C 158 9.80 -30.61 -0.78
CA GLU C 158 10.10 -30.01 -2.08
C GLU C 158 8.96 -29.22 -2.74
N PRO C 159 8.86 -27.94 -2.41
CA PRO C 159 7.79 -27.08 -2.87
C PRO C 159 7.67 -27.09 -4.39
N LYS C 160 6.45 -27.13 -4.93
CA LYS C 160 6.18 -26.71 -6.29
C LYS C 160 5.72 -25.26 -6.29
N ILE C 161 6.45 -24.44 -7.04
CA ILE C 161 6.21 -23.02 -7.11
C ILE C 161 5.96 -22.64 -8.55
N THR C 162 4.88 -21.93 -8.79
CA THR C 162 4.52 -21.48 -10.10
C THR C 162 4.36 -19.96 -10.05
N LEU C 163 4.84 -19.28 -11.08
CA LEU C 163 4.69 -17.85 -11.16
C LEU C 163 3.81 -17.60 -12.36
N SER C 164 2.99 -16.56 -12.32
CA SER C 164 2.26 -16.29 -13.51
C SER C 164 3.30 -16.02 -14.60
N SER C 165 2.90 -16.25 -15.84
CA SER C 165 3.86 -16.43 -16.91
C SER C 165 4.56 -15.16 -17.33
N ASP C 166 3.84 -14.06 -17.25
CA ASP C 166 4.42 -12.75 -17.61
C ASP C 166 5.55 -12.34 -16.69
N LEU C 167 5.30 -12.51 -15.40
CA LEU C 167 6.28 -12.40 -14.34
C LEU C 167 7.47 -13.28 -14.67
N SER C 168 7.27 -14.60 -14.81
CA SER C 168 8.44 -15.46 -14.99
C SER C 168 9.14 -15.11 -16.24
N SER C 169 8.37 -14.60 -17.20
CA SER C 169 9.01 -14.25 -18.44
C SER C 169 9.90 -13.07 -18.14
N ALA C 170 9.37 -12.12 -17.38
CA ALA C 170 10.18 -10.95 -17.08
C ALA C 170 11.42 -11.42 -16.31
N LEU C 171 11.25 -12.33 -15.36
CA LEU C 171 12.36 -12.78 -14.53
C LEU C 171 13.42 -13.52 -15.35
N GLU C 172 12.94 -14.25 -16.35
CA GLU C 172 13.77 -15.09 -17.19
C GLU C 172 14.60 -14.18 -18.08
N LYS C 173 13.96 -13.16 -18.65
CA LYS C 173 14.69 -12.22 -19.50
C LYS C 173 15.67 -11.39 -18.69
N ASP C 174 15.30 -11.02 -17.47
CA ASP C 174 16.22 -10.22 -16.66
C ASP C 174 17.48 -10.98 -16.26
N SER C 175 17.30 -12.19 -15.76
CA SER C 175 18.39 -13.10 -15.44
C SER C 175 19.26 -13.38 -16.68
N GLY C 176 18.68 -13.13 -17.86
CA GLY C 176 19.36 -13.34 -19.13
C GLY C 176 20.79 -12.79 -19.09
N ASN C 177 20.94 -11.67 -18.38
CA ASN C 177 22.23 -11.01 -18.21
C ASN C 177 22.46 -10.58 -16.76
N GLU C 185 21.54 -22.50 -4.72
CA GLU C 185 21.25 -21.20 -4.15
C GLU C 185 21.85 -20.15 -5.03
N PRO C 186 22.14 -18.97 -4.43
CA PRO C 186 21.52 -18.58 -3.15
C PRO C 186 19.98 -18.36 -3.18
N LEU C 187 19.33 -18.59 -4.32
CA LEU C 187 17.89 -18.35 -4.38
C LEU C 187 17.09 -19.51 -3.80
N LYS C 188 17.63 -20.72 -3.87
CA LYS C 188 17.12 -21.84 -3.07
C LYS C 188 16.84 -21.42 -1.60
N THR C 189 17.68 -20.53 -1.06
CA THR C 189 17.48 -20.02 0.27
C THR C 189 16.39 -18.98 0.31
N LEU C 190 16.20 -18.26 -0.79
CA LEU C 190 15.15 -17.25 -0.82
C LEU C 190 13.79 -17.94 -0.86
N ARG C 191 13.72 -18.93 -1.72
CA ARG C 191 12.53 -19.75 -1.93
C ARG C 191 12.11 -20.34 -0.61
N GLN C 192 13.09 -20.80 0.15
CA GLN C 192 12.82 -21.43 1.40
C GLN C 192 12.50 -20.41 2.49
N ALA C 193 13.22 -19.31 2.54
CA ALA C 193 12.89 -18.26 3.49
C ALA C 193 11.43 -17.76 3.28
N ALA C 194 10.97 -17.71 2.03
CA ALA C 194 9.62 -17.21 1.81
C ALA C 194 8.61 -18.19 2.40
N ILE C 195 8.79 -19.48 2.13
CA ILE C 195 7.82 -20.48 2.51
C ILE C 195 7.78 -20.52 4.02
N CYS C 196 8.95 -20.55 4.65
CA CYS C 196 9.01 -20.52 6.09
C CYS C 196 8.30 -19.36 6.70
N LYS C 197 8.44 -18.18 6.09
CA LYS C 197 7.73 -17.03 6.61
C LYS C 197 6.25 -17.19 6.48
N ILE C 198 5.80 -17.58 5.31
CA ILE C 198 4.40 -17.85 5.11
C ILE C 198 3.86 -18.86 6.11
N ALA C 199 4.60 -19.94 6.35
CA ALA C 199 4.18 -20.95 7.31
C ALA C 199 4.05 -20.30 8.67
N GLU C 200 5.01 -19.44 8.97
CA GLU C 200 5.06 -18.83 10.28
C GLU C 200 3.82 -17.95 10.49
N ALA C 201 3.30 -17.31 9.45
CA ALA C 201 2.12 -16.51 9.63
C ALA C 201 0.91 -17.39 9.92
N CYS C 202 0.82 -18.52 9.21
CA CYS C 202 -0.22 -19.52 9.40
C CYS C 202 -0.31 -19.95 10.84
N TYR C 203 0.85 -20.22 11.43
CA TYR C 203 0.85 -20.70 12.80
C TYR C 203 0.52 -19.63 13.79
N ILE C 204 0.76 -18.37 13.41
CA ILE C 204 0.40 -17.29 14.30
C ILE C 204 -1.09 -17.45 14.39
N SER C 205 -1.69 -17.78 13.26
CA SER C 205 -3.12 -17.95 13.25
C SER C 205 -3.59 -19.19 14.03
N VAL C 206 -2.94 -20.33 13.78
CA VAL C 206 -3.28 -21.55 14.46
C VAL C 206 -3.19 -21.26 15.96
N VAL C 207 -2.05 -20.71 16.39
CA VAL C 207 -1.82 -20.57 17.83
C VAL C 207 -2.75 -19.50 18.45
N HIS C 208 -3.07 -18.48 17.68
CA HIS C 208 -4.06 -17.53 18.11
C HIS C 208 -5.32 -18.29 18.53
N ASN C 209 -5.72 -19.27 17.72
CA ASN C 209 -6.95 -20.07 17.97
C ASN C 209 -6.93 -20.96 19.23
N ILE C 210 -5.83 -21.68 19.40
CA ILE C 210 -5.57 -22.41 20.62
C ILE C 210 -5.65 -21.46 21.79
N ARG C 211 -5.07 -20.29 21.63
CA ARG C 211 -5.08 -19.29 22.71
C ARG C 211 -6.50 -18.79 22.98
N ALA C 212 -7.33 -18.72 21.94
CA ALA C 212 -8.71 -18.33 22.13
C ALA C 212 -9.47 -19.41 22.92
N SER C 213 -9.26 -20.69 22.56
CA SER C 213 -9.90 -21.72 23.36
C SER C 213 -9.60 -21.53 24.84
N ALA C 214 -8.36 -21.23 25.20
CA ALA C 214 -8.04 -21.13 26.62
C ALA C 214 -8.59 -19.89 27.29
N LYS C 215 -9.11 -18.94 26.52
CA LYS C 215 -9.74 -17.75 27.16
C LYS C 215 -11.16 -18.10 27.54
N ILE C 216 -11.72 -19.02 26.77
CA ILE C 216 -13.13 -19.32 26.78
C ILE C 216 -13.46 -20.40 27.77
N LEU C 217 -12.77 -21.52 27.69
CA LEU C 217 -12.93 -22.57 28.68
C LEU C 217 -12.02 -22.28 29.87
N PRO C 218 -12.46 -22.68 31.09
CA PRO C 218 -11.63 -22.71 32.31
C PRO C 218 -10.58 -23.82 32.21
N ALA C 219 -9.41 -23.64 32.78
CA ALA C 219 -8.42 -24.71 32.65
C ALA C 219 -9.00 -26.05 33.07
N SER C 220 -9.82 -26.07 34.13
CA SER C 220 -10.63 -27.24 34.52
C SER C 220 -11.06 -28.09 33.36
N SER C 221 -12.00 -27.53 32.61
CA SER C 221 -12.66 -28.19 31.47
C SER C 221 -11.74 -28.87 30.45
N PHE C 222 -10.44 -28.69 30.58
CA PHE C 222 -9.51 -29.28 29.64
C PHE C 222 -9.11 -30.63 30.16
N PHE C 223 -9.37 -30.86 31.43
CA PHE C 223 -8.81 -32.02 32.13
C PHE C 223 -9.84 -32.83 32.92
N GLU C 224 -10.10 -34.07 32.50
CA GLU C 224 -10.84 -35.05 33.33
C GLU C 224 -10.52 -34.90 34.82
N ASN C 225 -9.22 -34.86 35.13
CA ASN C 225 -8.73 -34.64 36.49
C ASN C 225 -9.66 -33.81 37.36
N LYS D 9 -11.29 40.57 6.55
CA LYS D 9 -11.81 41.85 5.96
C LYS D 9 -13.01 41.61 5.00
N PRO D 10 -13.93 42.59 4.91
CA PRO D 10 -15.22 42.42 4.20
C PRO D 10 -15.42 43.21 2.87
N CYS D 11 -15.69 42.49 1.78
CA CYS D 11 -15.96 43.11 0.46
C CYS D 11 -17.35 43.71 0.32
N LYS D 12 -17.57 44.40 -0.80
CA LYS D 12 -18.91 44.89 -1.18
C LYS D 12 -19.33 44.46 -2.58
N LEU D 13 -20.59 44.03 -2.66
CA LEU D 13 -21.25 43.51 -3.86
C LEU D 13 -20.57 43.78 -5.20
N GLY D 14 -20.43 42.74 -6.02
CA GLY D 14 -19.89 42.86 -7.37
C GLY D 14 -18.41 43.21 -7.47
N ASP D 15 -17.84 43.69 -6.37
CA ASP D 15 -16.40 44.04 -6.36
C ASP D 15 -15.48 42.78 -6.42
N MET D 16 -15.06 42.43 -7.63
CA MET D 16 -14.43 41.14 -7.87
C MET D 16 -12.96 41.06 -7.47
N GLN D 17 -12.18 42.12 -7.72
CA GLN D 17 -10.78 42.12 -7.28
C GLN D 17 -10.79 42.00 -5.77
N CYS D 18 -11.89 42.39 -5.17
CA CYS D 18 -11.95 42.42 -3.73
C CYS D 18 -12.20 41.02 -3.20
N LEU D 19 -13.13 40.31 -3.84
CA LEU D 19 -13.40 38.93 -3.50
C LEU D 19 -12.08 38.13 -3.63
N SER D 20 -11.48 38.18 -4.81
CA SER D 20 -10.16 37.58 -5.03
C SER D 20 -9.20 37.86 -3.90
N SER D 21 -9.17 39.10 -3.46
CA SER D 21 -8.12 39.50 -2.54
C SER D 21 -8.41 38.89 -1.19
N ALA D 22 -9.70 38.71 -0.94
CA ALA D 22 -10.19 38.19 0.31
C ALA D 22 -9.95 36.67 0.41
N THR D 23 -10.33 35.97 -0.67
CA THR D 23 -10.07 34.56 -0.83
C THR D 23 -8.58 34.30 -0.62
N GLU D 24 -7.80 34.79 -1.57
CA GLU D 24 -6.37 34.81 -1.42
C GLU D 24 -6.07 35.08 0.03
N GLN D 25 -6.70 36.07 0.60
CA GLN D 25 -6.30 36.43 1.94
C GLN D 25 -6.60 35.31 2.93
N PHE D 26 -7.75 34.65 2.75
CA PHE D 26 -8.17 33.61 3.68
C PHE D 26 -7.24 32.37 3.65
N LEU D 27 -6.92 31.92 2.45
CA LEU D 27 -6.03 30.77 2.27
C LEU D 27 -4.66 30.95 2.90
N GLU D 28 -4.06 32.12 2.64
CA GLU D 28 -2.73 32.47 3.18
C GLU D 28 -2.74 32.44 4.70
N LYS D 29 -3.64 33.20 5.31
CA LYS D 29 -3.73 33.19 6.77
C LYS D 29 -3.93 31.78 7.34
N THR D 30 -4.78 30.96 6.71
CA THR D 30 -5.12 29.65 7.29
C THR D 30 -4.29 28.45 6.81
N SER D 31 -3.30 28.72 5.94
CA SER D 31 -2.41 27.68 5.43
C SER D 31 -1.97 26.53 6.37
N LYS D 32 -1.63 26.85 7.61
CA LYS D 32 -1.19 25.84 8.55
C LYS D 32 -2.39 25.05 8.98
N GLY D 33 -3.56 25.57 8.62
CA GLY D 33 -4.79 24.85 8.90
C GLY D 33 -5.26 24.98 10.34
N ILE D 34 -6.57 25.08 10.50
CA ILE D 34 -7.18 25.19 11.79
C ILE D 34 -8.09 23.98 11.99
N PRO D 35 -7.58 22.96 12.68
CA PRO D 35 -8.31 21.73 12.85
C PRO D 35 -9.72 21.98 13.32
N GLN D 36 -9.82 22.76 14.39
CA GLN D 36 -11.12 23.01 15.00
C GLN D 36 -12.23 23.53 14.05
N TYR D 37 -11.87 24.06 12.89
CA TYR D 37 -12.89 24.46 11.94
C TYR D 37 -12.87 23.67 10.65
N ASP D 38 -12.24 22.50 10.65
CA ASP D 38 -12.03 21.72 9.44
C ASP D 38 -11.43 22.60 8.34
N ILE D 39 -10.39 23.35 8.66
CA ILE D 39 -9.63 24.01 7.61
C ILE D 39 -8.30 23.30 7.49
N TRP D 40 -7.97 22.76 6.32
CA TRP D 40 -6.82 21.86 6.19
C TRP D 40 -5.54 22.60 6.07
N PRO D 41 -4.42 21.98 6.50
CA PRO D 41 -3.09 22.55 6.18
C PRO D 41 -2.90 22.47 4.67
N ILE D 42 -2.47 23.56 4.03
CA ILE D 42 -2.21 23.51 2.57
C ILE D 42 -0.84 24.00 2.11
N ASP D 43 0.05 24.27 3.06
CA ASP D 43 1.47 24.59 2.78
C ASP D 43 2.28 24.40 4.07
N PRO D 44 3.05 23.32 4.14
CA PRO D 44 3.08 22.44 2.99
C PRO D 44 1.83 21.52 2.91
N LEU D 45 1.49 21.07 1.71
CA LEU D 45 0.40 20.12 1.53
C LEU D 45 0.99 18.72 1.30
N VAL D 46 0.53 17.77 2.08
CA VAL D 46 0.97 16.39 1.99
C VAL D 46 -0.14 15.60 1.30
N VAL D 47 0.22 14.85 0.27
CA VAL D 47 -0.70 13.98 -0.43
C VAL D 47 -0.18 12.55 -0.32
N THR D 48 -0.88 11.75 0.48
CA THR D 48 -0.57 10.35 0.77
C THR D 48 -0.31 9.48 -0.43
N SER D 49 -1.23 9.45 -1.38
CA SER D 49 -0.91 8.82 -2.65
C SER D 49 -1.76 9.39 -3.75
N LEU D 50 -1.31 9.14 -4.97
CA LEU D 50 -1.99 9.63 -6.13
C LEU D 50 -1.53 8.78 -7.30
N ASP D 51 -2.47 8.31 -8.10
CA ASP D 51 -2.15 7.51 -9.30
C ASP D 51 -2.46 8.23 -10.59
N VAL D 52 -1.68 7.98 -11.62
CA VAL D 52 -1.79 8.76 -12.82
C VAL D 52 -1.56 7.80 -13.95
N ILE D 53 -2.49 7.69 -14.87
CA ILE D 53 -2.30 6.82 -16.01
C ILE D 53 -1.73 7.56 -17.20
N ALA D 54 -0.78 6.95 -17.89
CA ALA D 54 -0.20 7.59 -19.06
C ALA D 54 -1.35 7.83 -20.05
N PRO D 55 -1.46 9.06 -20.58
CA PRO D 55 -2.53 9.33 -21.55
C PRO D 55 -2.37 8.56 -22.85
N SER D 56 -1.15 8.21 -23.18
CA SER D 56 -0.87 7.61 -24.46
C SER D 56 -0.69 6.13 -24.32
N ASP D 57 -1.00 5.57 -23.15
CA ASP D 57 -0.88 4.12 -22.94
C ASP D 57 -1.39 3.70 -21.56
N ALA D 58 -2.62 3.20 -21.52
CA ALA D 58 -3.22 2.86 -20.24
C ALA D 58 -2.49 1.68 -19.56
N GLY D 59 -1.53 1.07 -20.28
CA GLY D 59 -0.63 0.09 -19.70
C GLY D 59 0.44 0.62 -18.74
N ILE D 60 0.51 1.95 -18.59
CA ILE D 60 1.55 2.59 -17.78
C ILE D 60 0.89 3.42 -16.69
N VAL D 61 1.38 3.29 -15.44
CA VAL D 61 0.75 3.94 -14.29
C VAL D 61 1.84 4.58 -13.46
N ILE D 62 1.65 5.82 -13.03
CA ILE D 62 2.65 6.40 -12.14
C ILE D 62 1.99 6.44 -10.80
N ARG D 63 2.62 5.87 -9.79
CA ARG D 63 1.97 5.90 -8.46
C ARG D 63 2.83 6.78 -7.57
N PHE D 64 2.28 7.89 -7.12
CA PHE D 64 3.05 8.77 -6.25
C PHE D 64 2.69 8.49 -4.82
N LYS D 65 3.70 8.48 -3.96
CA LYS D 65 3.40 8.45 -2.54
C LYS D 65 4.12 9.52 -1.81
N ASN D 66 3.56 9.91 -0.68
CA ASN D 66 4.10 10.93 0.20
C ASN D 66 4.34 12.22 -0.50
N LEU D 67 3.46 12.60 -1.39
CA LEU D 67 3.61 13.87 -2.03
C LEU D 67 3.68 15.02 -1.02
N ASN D 68 4.73 15.79 -1.15
CA ASN D 68 4.90 16.97 -0.36
C ASN D 68 4.91 18.18 -1.26
N ILE D 69 3.96 19.09 -1.03
CA ILE D 69 3.79 20.22 -1.93
C ILE D 69 3.75 21.53 -1.15
N THR D 70 4.63 22.45 -1.54
CA THR D 70 4.70 23.76 -0.89
C THR D 70 4.53 24.80 -1.95
N GLY D 71 3.96 25.93 -1.56
CA GLY D 71 3.75 27.03 -2.49
C GLY D 71 2.31 27.47 -2.55
N LEU D 72 1.38 26.63 -2.17
CA LEU D 72 0.00 27.08 -2.27
C LEU D 72 -0.21 28.37 -1.48
N LYS D 73 0.51 28.56 -0.37
CA LYS D 73 0.23 29.75 0.45
C LYS D 73 0.54 31.08 -0.26
N ASN D 74 1.30 31.04 -1.35
CA ASN D 74 1.57 32.24 -2.11
C ASN D 74 0.80 32.26 -3.39
N GLN D 75 -0.24 31.47 -3.49
CA GLN D 75 -0.88 31.41 -4.78
C GLN D 75 -1.58 32.72 -5.12
N GLN D 76 -1.88 32.87 -6.40
CA GLN D 76 -2.54 34.08 -6.86
C GLN D 76 -3.94 33.72 -7.30
N ILE D 77 -4.94 34.31 -6.68
CA ILE D 77 -6.27 34.22 -7.27
C ILE D 77 -6.34 35.38 -8.24
N SER D 78 -6.43 35.08 -9.54
CA SER D 78 -6.21 36.09 -10.56
C SER D 78 -7.41 36.25 -11.44
N ASP D 79 -8.45 36.87 -10.91
CA ASP D 79 -9.71 37.00 -11.61
C ASP D 79 -10.68 36.27 -10.74
N PHE D 80 -11.97 36.48 -10.97
CA PHE D 80 -12.99 35.89 -10.11
C PHE D 80 -14.34 36.34 -10.58
N GLN D 81 -15.17 35.40 -11.01
CA GLN D 81 -16.43 35.73 -11.62
C GLN D 81 -17.58 34.98 -10.96
N MET D 82 -18.49 35.74 -10.37
CA MET D 82 -19.62 35.20 -9.64
C MET D 82 -20.95 35.55 -10.31
N ASP D 83 -21.54 34.58 -11.00
CA ASP D 83 -22.87 34.74 -11.55
C ASP D 83 -23.87 34.40 -10.44
N THR D 84 -24.32 35.42 -9.71
CA THR D 84 -25.30 35.23 -8.63
C THR D 84 -26.69 34.89 -9.18
N LYS D 85 -26.78 34.77 -10.48
CA LYS D 85 -28.05 34.41 -11.07
C LYS D 85 -28.08 32.91 -11.30
N ALA D 86 -27.16 32.43 -12.13
CA ALA D 86 -26.92 30.99 -12.27
C ALA D 86 -26.49 30.33 -10.95
N LYS D 87 -25.84 31.09 -10.07
CA LYS D 87 -25.36 30.49 -8.83
C LYS D 87 -24.06 29.67 -9.05
N THR D 88 -23.11 30.27 -9.77
CA THR D 88 -21.90 29.57 -10.12
C THR D 88 -20.69 30.45 -9.85
N VAL D 89 -19.53 29.83 -9.63
CA VAL D 89 -18.30 30.59 -9.42
C VAL D 89 -17.25 30.08 -10.39
N LEU D 90 -16.35 30.98 -10.75
CA LEU D 90 -15.21 30.65 -11.58
C LEU D 90 -14.04 31.43 -10.99
N LEU D 91 -12.89 30.78 -10.86
CA LEU D 91 -11.75 31.51 -10.37
C LEU D 91 -10.54 30.91 -11.02
N LYS D 92 -9.55 31.75 -11.26
CA LYS D 92 -8.38 31.37 -11.98
C LYS D 92 -7.21 31.46 -11.02
N THR D 93 -6.33 30.47 -11.06
CA THR D 93 -5.28 30.44 -10.09
C THR D 93 -3.97 30.38 -10.82
N LYS D 94 -2.91 30.78 -10.11
CA LYS D 94 -1.57 30.72 -10.63
C LYS D 94 -0.80 30.39 -9.40
N ALA D 95 0.06 29.37 -9.48
CA ALA D 95 0.74 28.91 -8.28
C ALA D 95 2.12 28.42 -8.63
N ASP D 96 3.04 28.63 -7.70
CA ASP D 96 4.37 28.10 -7.81
C ASP D 96 4.59 26.95 -6.85
N LEU D 97 4.66 25.74 -7.38
CA LEU D 97 4.59 24.53 -6.58
C LEU D 97 5.92 23.82 -6.48
N HIS D 98 6.36 23.52 -5.26
CA HIS D 98 7.52 22.70 -5.08
C HIS D 98 6.95 21.36 -4.65
N ILE D 99 7.16 20.36 -5.49
CA ILE D 99 6.60 19.06 -5.28
C ILE D 99 7.74 18.06 -5.07
N VAL D 100 7.66 17.33 -3.97
CA VAL D 100 8.62 16.29 -3.65
C VAL D 100 7.87 15.04 -3.23
N GLY D 101 8.12 13.92 -3.91
CA GLY D 101 7.63 12.66 -3.38
C GLY D 101 8.24 11.42 -3.97
N ASP D 102 7.93 10.30 -3.33
CA ASP D 102 8.25 8.97 -3.84
C ASP D 102 7.46 8.67 -5.08
N ILE D 103 8.12 8.10 -6.07
CA ILE D 103 7.44 7.69 -7.28
C ILE D 103 7.69 6.22 -7.62
N VAL D 104 6.63 5.53 -8.06
CA VAL D 104 6.81 4.22 -8.73
C VAL D 104 6.32 4.23 -10.21
N ILE D 105 7.17 3.81 -11.12
CA ILE D 105 6.78 3.79 -12.51
C ILE D 105 6.46 2.34 -12.89
N GLU D 106 5.16 2.09 -12.98
CA GLU D 106 4.67 0.79 -13.14
C GLU D 106 4.34 0.48 -14.59
N LEU D 107 5.21 -0.25 -15.27
CA LEU D 107 4.89 -0.75 -16.61
C LEU D 107 4.18 -2.10 -16.46
N THR D 108 2.88 -2.07 -16.22
CA THR D 108 2.14 -3.26 -15.93
C THR D 108 2.26 -4.27 -17.03
N GLU D 109 2.32 -3.89 -18.29
CA GLU D 109 2.31 -4.92 -19.32
C GLU D 109 3.62 -5.67 -19.33
N GLN D 110 4.58 -5.19 -18.57
CA GLN D 110 5.87 -5.88 -18.57
C GLN D 110 6.14 -6.52 -17.23
N SER D 111 5.21 -6.38 -16.30
CA SER D 111 5.45 -6.92 -14.98
C SER D 111 6.66 -6.31 -14.26
N LYS D 112 7.08 -5.10 -14.63
CA LYS D 112 8.13 -4.41 -13.89
C LYS D 112 7.65 -3.06 -13.48
N SER D 113 8.40 -2.48 -12.57
CA SER D 113 8.15 -1.11 -12.26
C SER D 113 9.48 -0.56 -11.75
N PHE D 114 9.55 0.76 -11.55
CA PHE D 114 10.81 1.43 -11.14
C PHE D 114 10.54 2.38 -10.02
N THR D 115 11.49 2.52 -9.11
CA THR D 115 11.25 3.27 -7.91
C THR D 115 12.31 4.32 -7.68
N GLY D 116 11.89 5.49 -7.19
CA GLY D 116 12.85 6.54 -6.92
C GLY D 116 12.18 7.77 -6.39
N LEU D 117 12.84 8.90 -6.58
CA LEU D 117 12.30 10.17 -6.13
C LEU D 117 11.95 11.10 -7.25
N TYR D 118 10.98 11.94 -6.94
CA TYR D 118 10.44 12.85 -7.91
C TYR D 118 10.33 14.20 -7.23
N THR D 119 10.83 15.20 -7.94
CA THR D 119 10.63 16.58 -7.54
C THR D 119 10.31 17.36 -8.80
N ALA D 120 9.51 18.38 -8.62
CA ALA D 120 9.12 19.15 -9.74
C ALA D 120 8.84 20.58 -9.30
N ASP D 121 9.25 21.52 -10.13
CA ASP D 121 8.94 22.90 -9.92
C ASP D 121 8.11 23.29 -11.10
N THR D 122 7.03 23.97 -10.84
CA THR D 122 6.11 24.21 -11.91
C THR D 122 5.26 25.41 -11.56
N ASN D 123 4.83 26.07 -12.61
CA ASN D 123 3.79 27.08 -12.55
C ASN D 123 2.53 26.51 -13.13
N VAL D 124 1.47 26.60 -12.35
CA VAL D 124 0.25 26.03 -12.81
C VAL D 124 -0.79 27.10 -12.90
N ILE D 125 -1.37 27.19 -14.08
CA ILE D 125 -2.56 28.00 -14.21
C ILE D 125 -3.72 27.07 -14.32
N GLY D 126 -4.80 27.38 -13.62
CA GLY D 126 -6.02 26.61 -13.79
C GLY D 126 -7.33 27.32 -13.52
N ALA D 127 -8.42 26.57 -13.66
CA ALA D 127 -9.72 27.13 -13.41
C ALA D 127 -10.53 26.24 -12.46
N VAL D 128 -11.11 26.86 -11.46
CA VAL D 128 -11.93 26.17 -10.51
C VAL D 128 -13.33 26.61 -10.81
N ARG D 129 -14.22 25.66 -11.09
CA ARG D 129 -15.63 26.00 -11.32
C ARG D 129 -16.50 25.25 -10.36
N TYR D 130 -17.48 25.92 -9.78
CA TYR D 130 -18.42 25.20 -8.98
C TYR D 130 -19.64 26.02 -8.79
N GLY D 131 -20.78 25.34 -8.73
CA GLY D 131 -22.01 25.99 -8.34
C GLY D 131 -22.01 26.20 -6.83
N TYR D 132 -23.05 26.89 -6.37
CA TYR D 132 -23.30 27.02 -4.97
C TYR D 132 -24.80 27.22 -4.77
N ASN D 133 -25.23 27.27 -3.52
CA ASN D 133 -26.60 27.66 -3.20
C ASN D 133 -26.55 28.27 -1.83
N LEU D 134 -27.63 28.95 -1.45
CA LEU D 134 -27.66 29.52 -0.11
C LEU D 134 -28.50 28.61 0.79
N LYS D 135 -28.00 28.38 2.00
CA LYS D 135 -28.70 27.54 2.95
C LYS D 135 -28.79 28.30 4.27
N ASN D 136 -29.86 28.02 4.99
CA ASN D 136 -30.17 28.80 6.17
C ASN D 136 -30.02 28.01 7.43
N ASP D 137 -29.45 28.63 8.45
CA ASP D 137 -29.31 27.98 9.74
C ASP D 137 -30.67 27.49 10.26
N ASP D 138 -30.63 26.54 11.19
CA ASP D 138 -31.80 26.17 11.98
C ASP D 138 -32.61 27.43 12.28
N ASN D 139 -31.91 28.52 12.54
CA ASN D 139 -32.57 29.76 12.83
C ASN D 139 -31.98 30.79 11.92
N GLY D 140 -32.74 31.14 10.87
CA GLY D 140 -32.46 32.32 10.05
C GLY D 140 -31.27 32.38 9.11
N VAL D 141 -30.08 32.59 9.69
CA VAL D 141 -28.87 33.05 8.98
C VAL D 141 -28.48 32.17 7.80
N GLN D 142 -28.09 32.81 6.70
CA GLN D 142 -27.84 32.06 5.49
C GLN D 142 -26.35 31.94 5.08
N HIS D 143 -25.99 30.74 4.63
CA HIS D 143 -24.61 30.44 4.27
C HIS D 143 -24.51 30.10 2.82
N PHE D 144 -23.39 30.46 2.21
CA PHE D 144 -23.09 29.84 0.93
C PHE D 144 -22.80 28.37 1.22
N GLU D 145 -23.00 27.53 0.22
CA GLU D 145 -22.68 26.13 0.34
C GLU D 145 -22.02 25.74 -0.97
N VAL D 146 -20.71 25.54 -0.92
CA VAL D 146 -19.95 25.29 -2.13
C VAL D 146 -20.21 23.85 -2.59
N GLN D 147 -20.64 23.68 -3.84
CA GLN D 147 -20.82 22.34 -4.38
C GLN D 147 -19.52 21.80 -4.92
N PRO D 148 -19.51 20.52 -5.32
CA PRO D 148 -18.33 19.87 -5.87
C PRO D 148 -17.69 20.63 -7.05
N GLU D 149 -16.46 21.11 -6.90
CA GLU D 149 -15.82 21.90 -7.96
C GLU D 149 -15.36 21.00 -9.07
N THR D 150 -15.03 21.56 -10.22
CA THR D 150 -14.06 20.88 -11.04
C THR D 150 -12.88 21.83 -11.16
N PHE D 151 -11.76 21.30 -11.61
CA PHE D 151 -10.54 22.05 -11.71
C PHE D 151 -9.95 21.79 -13.09
N THR D 152 -9.65 22.83 -13.82
CA THR D 152 -9.13 22.61 -15.13
C THR D 152 -7.71 23.06 -15.13
N CYS D 153 -6.87 22.16 -15.61
CA CYS D 153 -5.48 22.42 -15.63
C CYS D 153 -5.22 23.20 -16.90
N GLU D 154 -4.96 24.49 -16.79
CA GLU D 154 -4.90 25.27 -18.01
C GLU D 154 -3.51 25.33 -18.52
N SER D 155 -2.54 25.46 -17.63
CA SER D 155 -1.18 25.44 -18.11
C SER D 155 -0.12 25.13 -17.07
N ILE D 156 0.87 24.35 -17.46
CA ILE D 156 1.88 23.99 -16.50
C ILE D 156 3.13 24.84 -16.67
N GLY D 157 3.27 25.49 -17.81
CA GLY D 157 4.45 26.29 -18.05
C GLY D 157 5.53 25.40 -18.67
N GLU D 158 6.77 25.60 -18.22
CA GLU D 158 7.84 24.63 -18.50
C GLU D 158 8.46 24.17 -17.18
N PRO D 159 7.90 23.10 -16.62
CA PRO D 159 8.20 22.60 -15.28
C PRO D 159 9.63 22.10 -15.18
N LYS D 160 10.24 22.18 -14.00
CA LYS D 160 11.53 21.57 -13.81
C LYS D 160 11.41 20.22 -13.05
N ILE D 161 11.49 19.11 -13.80
CA ILE D 161 11.29 17.77 -13.26
C ILE D 161 12.62 17.05 -13.03
N THR D 162 12.78 16.46 -11.87
CA THR D 162 13.99 15.71 -11.53
C THR D 162 13.65 14.32 -10.99
N LEU D 163 14.29 13.30 -11.54
CA LEU D 163 14.14 11.96 -11.02
C LEU D 163 15.36 11.69 -10.11
N SER D 164 15.25 10.80 -9.12
CA SER D 164 16.45 10.54 -8.34
C SER D 164 17.40 9.76 -9.23
N SER D 165 18.68 9.90 -8.95
CA SER D 165 19.68 9.52 -9.92
C SER D 165 19.69 8.02 -10.25
N ASP D 166 19.71 7.21 -9.22
CA ASP D 166 19.53 5.76 -9.34
C ASP D 166 18.30 5.37 -10.19
N LEU D 167 17.19 6.07 -9.97
CA LEU D 167 16.02 5.87 -10.77
C LEU D 167 16.28 6.13 -12.24
N SER D 168 16.97 7.23 -12.53
CA SER D 168 17.24 7.61 -13.92
C SER D 168 18.17 6.62 -14.58
N SER D 169 19.18 6.16 -13.85
CA SER D 169 20.08 5.19 -14.49
C SER D 169 19.26 3.94 -14.74
N ALA D 170 18.42 3.61 -13.75
CA ALA D 170 17.64 2.39 -13.83
C ALA D 170 16.79 2.45 -15.08
N LEU D 171 16.21 3.62 -15.36
CA LEU D 171 15.44 3.81 -16.61
C LEU D 171 16.34 3.88 -17.84
N GLU D 172 17.37 4.72 -17.84
CA GLU D 172 18.28 4.75 -18.97
C GLU D 172 18.59 3.30 -19.26
N LYS D 173 19.17 2.62 -18.29
CA LYS D 173 19.66 1.29 -18.56
C LYS D 173 18.57 0.42 -19.12
N ASP D 174 17.38 0.51 -18.56
CA ASP D 174 16.33 -0.41 -19.01
C ASP D 174 15.74 -0.14 -20.40
N SER D 175 15.77 1.09 -20.89
CA SER D 175 15.34 1.30 -22.28
C SER D 175 16.49 1.05 -23.25
N GLY D 176 17.71 1.41 -22.82
CA GLY D 176 18.95 1.13 -23.55
C GLY D 176 18.91 1.40 -25.03
N MET D 184 10.69 13.82 -24.56
CA MET D 184 10.03 14.11 -25.85
C MET D 184 8.60 13.54 -25.91
N GLU D 185 8.13 13.23 -27.11
CA GLU D 185 6.90 12.45 -27.21
C GLU D 185 7.24 10.95 -27.25
N PRO D 186 6.37 10.10 -26.66
CA PRO D 186 5.05 10.47 -26.15
C PRO D 186 5.07 10.90 -24.68
N LEU D 187 6.24 10.86 -24.06
CA LEU D 187 6.36 11.12 -22.63
C LEU D 187 6.09 12.56 -22.24
N LYS D 188 5.92 13.45 -23.22
CA LYS D 188 5.53 14.82 -22.91
C LYS D 188 4.10 14.93 -22.38
N THR D 189 3.23 14.01 -22.81
CA THR D 189 1.88 13.91 -22.26
C THR D 189 1.93 13.43 -20.83
N LEU D 190 2.88 12.56 -20.52
CA LEU D 190 2.92 11.97 -19.21
C LEU D 190 3.38 12.97 -18.14
N ARG D 191 4.50 13.62 -18.42
CA ARG D 191 5.00 14.66 -17.55
C ARG D 191 3.89 15.64 -17.21
N GLN D 192 3.10 15.96 -18.22
CA GLN D 192 1.99 16.90 -18.08
C GLN D 192 0.87 16.37 -17.23
N ALA D 193 0.37 15.21 -17.60
CA ALA D 193 -0.77 14.60 -16.90
C ALA D 193 -0.47 14.44 -15.41
N ALA D 194 0.79 14.21 -15.07
CA ALA D 194 1.19 14.02 -13.69
C ALA D 194 1.12 15.33 -12.89
N ILE D 195 1.64 16.40 -13.46
CA ILE D 195 1.50 17.72 -12.87
C ILE D 195 0.06 18.17 -12.76
N CYS D 196 -0.70 18.03 -13.84
CA CYS D 196 -2.13 18.33 -13.74
C CYS D 196 -2.82 17.58 -12.64
N LYS D 197 -2.58 16.28 -12.50
CA LYS D 197 -3.32 15.54 -11.48
C LYS D 197 -2.83 15.96 -10.14
N ILE D 198 -1.56 16.30 -10.02
CA ILE D 198 -1.08 16.80 -8.73
C ILE D 198 -1.75 18.14 -8.38
N ALA D 199 -1.89 19.01 -9.39
CA ALA D 199 -2.43 20.37 -9.16
C ALA D 199 -3.86 20.20 -8.78
N GLU D 200 -4.53 19.30 -9.48
CA GLU D 200 -5.91 18.93 -9.13
C GLU D 200 -6.04 18.39 -7.71
N ALA D 201 -5.10 17.58 -7.25
CA ALA D 201 -5.23 17.16 -5.87
C ALA D 201 -5.11 18.40 -4.97
N CYS D 202 -4.21 19.33 -5.34
CA CYS D 202 -3.98 20.50 -4.50
C CYS D 202 -5.23 21.37 -4.41
N TYR D 203 -5.96 21.47 -5.52
CA TYR D 203 -7.09 22.34 -5.51
C TYR D 203 -8.31 21.80 -4.78
N ILE D 204 -8.40 20.48 -4.68
CA ILE D 204 -9.44 19.87 -3.90
C ILE D 204 -9.18 20.32 -2.48
N SER D 205 -7.90 20.41 -2.13
CA SER D 205 -7.62 20.89 -0.79
C SER D 205 -8.02 22.34 -0.54
N VAL D 206 -7.73 23.18 -1.55
CA VAL D 206 -7.91 24.62 -1.43
C VAL D 206 -9.42 24.84 -1.38
N VAL D 207 -10.12 24.27 -2.36
CA VAL D 207 -11.55 24.46 -2.40
C VAL D 207 -12.18 23.84 -1.16
N HIS D 208 -11.67 22.71 -0.67
CA HIS D 208 -12.21 22.19 0.58
C HIS D 208 -12.23 23.31 1.61
N ASN D 209 -11.16 24.09 1.65
CA ASN D 209 -11.05 25.12 2.65
C ASN D 209 -12.01 26.33 2.40
N ILE D 210 -12.12 26.73 1.13
CA ILE D 210 -13.09 27.75 0.81
C ILE D 210 -14.45 27.20 1.26
N ARG D 211 -14.74 25.96 0.85
CA ARG D 211 -16.03 25.40 1.16
C ARG D 211 -16.25 25.45 2.65
N ALA D 212 -15.20 25.20 3.44
CA ALA D 212 -15.32 25.20 4.89
C ALA D 212 -15.55 26.59 5.39
N SER D 213 -14.91 27.58 4.78
CA SER D 213 -15.12 28.95 5.24
C SER D 213 -16.61 29.32 5.12
N ALA D 214 -17.22 29.06 3.96
CA ALA D 214 -18.65 29.30 3.80
C ALA D 214 -19.45 28.68 4.91
N LYS D 215 -19.04 27.51 5.37
CA LYS D 215 -19.74 26.89 6.48
C LYS D 215 -19.50 27.68 7.76
N ILE D 216 -18.29 28.15 7.98
CA ILE D 216 -18.05 28.70 9.30
C ILE D 216 -18.64 30.08 9.43
N LEU D 217 -18.86 30.72 8.29
CA LEU D 217 -19.31 32.08 8.28
C LEU D 217 -20.61 32.28 7.51
N PRO D 218 -21.44 33.22 7.99
CA PRO D 218 -22.68 33.67 7.35
C PRO D 218 -22.33 34.31 6.03
N ALA D 219 -23.14 34.09 5.01
CA ALA D 219 -22.85 34.65 3.69
C ALA D 219 -22.59 36.16 3.78
N SER D 220 -23.12 36.78 4.83
CA SER D 220 -23.07 38.22 4.98
C SER D 220 -21.69 38.77 5.35
N SER D 221 -20.82 37.96 5.95
CA SER D 221 -19.46 38.42 6.27
C SER D 221 -18.64 38.66 5.01
N PHE D 222 -18.90 37.89 3.96
CA PHE D 222 -18.17 38.03 2.71
C PHE D 222 -18.50 39.33 2.00
N PHE D 223 -19.55 40.02 2.46
CA PHE D 223 -19.93 41.30 1.85
C PHE D 223 -20.46 42.31 2.85
N GLU D 224 -19.64 43.30 3.20
CA GLU D 224 -20.12 44.42 4.03
C GLU D 224 -20.83 45.47 3.18
ZN ZN E . 23.73 -4.24 -0.80
ZN ZN F . 39.35 -7.72 -3.98
ZN ZN G . 14.29 13.40 19.60
ZN ZN H . 17.77 11.08 22.68
ZN ZN I . 32.45 4.16 21.51
C1 MPD J . 35.49 -9.91 9.07
C2 MPD J . 35.06 -9.01 10.21
O2 MPD J . 33.67 -8.68 10.01
CM MPD J . 35.21 -9.72 11.54
C3 MPD J . 35.84 -7.69 10.21
C4 MPD J . 35.16 -6.78 9.20
O4 MPD J . 36.09 -5.89 8.64
C5 MPD J . 34.51 -7.60 8.09
C1 MPD K . 3.08 1.24 19.01
C2 MPD K . 2.99 2.13 20.22
O2 MPD K . 4.34 2.28 20.74
CM MPD K . 2.38 3.47 19.83
C3 MPD K . 2.11 1.53 21.30
C4 MPD K . 2.11 2.40 22.57
O4 MPD K . 3.17 2.00 23.41
C5 MPD K . 2.27 3.91 22.30
ZN ZN L . -1.63 -1.80 -23.81
ZN ZN M . -0.76 -1.99 -40.52
ZN ZN N . -23.43 -10.51 -9.16
ZN ZN O . -26.88 -9.15 -12.46
C1 MPD P . -12.11 2.28 -33.15
C2 MPD P . -12.91 3.19 -34.07
O2 MPD P . -13.49 4.27 -33.31
CM MPD P . -12.01 3.81 -35.15
C3 MPD P . -14.05 2.42 -34.73
C4 MPD P . -13.67 0.95 -34.74
O4 MPD P . -14.58 0.21 -33.95
C5 MPD P . -13.64 0.41 -36.17
C1 MPD Q . -19.21 3.45 -0.56
C2 MPD Q . -20.38 2.48 -0.60
O2 MPD Q . -21.37 2.99 -1.50
CM MPD Q . -19.94 1.14 -1.16
C3 MPD Q . -20.95 2.27 0.79
C4 MPD Q . -22.22 3.06 1.05
O4 MPD Q . -22.86 3.33 -0.19
C5 MPD Q . -23.17 2.28 1.96
ZN ZN R . -8.01 -12.48 18.59
ZN ZN S . -13.55 -17.52 32.95
ZN ZN T . -1.93 -26.98 -4.63
ZN ZN U . 0.29 -30.16 -1.40
ZN ZN V . -5.20 -36.39 12.34
ZN ZN W . -13.22 -6.26 35.20
C1 MPD X . -3.91 -24.43 26.41
C2 MPD X . -2.57 -25.06 26.82
O2 MPD X . -1.74 -25.19 25.64
CM MPD X . -1.83 -24.21 27.86
C3 MPD X . -2.78 -26.48 27.32
C4 MPD X . -4.12 -26.89 26.76
O4 MPD X . -4.00 -26.80 25.37
C5 MPD X . -4.52 -28.29 27.19
C1 MPD Y . 11.79 -17.18 -4.29
C2 MPD Y . 10.28 -17.07 -4.32
O2 MPD Y . 9.78 -18.43 -4.37
CM MPD Y . 9.78 -16.32 -3.09
C3 MPD Y . 9.94 -16.36 -5.61
C4 MPD Y . 11.14 -16.80 -6.42
O4 MPD Y . 11.22 -18.20 -6.28
C5 MPD Y . 11.00 -16.43 -7.90
ZN ZN Z . -13.44 18.63 5.85
ZN ZN AA . -24.53 29.80 10.62
ZN ZN BA . 11.35 24.43 -5.76
ZN ZN CA . 9.02 27.54 -8.86
ZN ZN DA . -2.48 38.61 -4.93
C1 MPD EA . -18.46 30.95 -0.90
C2 MPD EA . -18.63 31.34 -2.36
O2 MPD EA . -17.38 31.07 -3.04
CM MPD EA . -19.72 30.54 -3.06
C3 MPD EA . -18.93 32.82 -2.43
C4 MPD EA . -18.06 33.55 -1.43
O4 MPD EA . -16.74 33.32 -1.86
C5 MPD EA . -18.33 35.05 -1.40
C1 MPD FA . 6.43 11.08 -16.23
C2 MPD FA . 7.25 11.72 -15.13
O2 MPD FA . 7.09 13.17 -15.22
CM MPD FA . 6.74 11.27 -13.78
C3 MPD FA . 8.70 11.31 -15.20
C4 MPD FA . 9.48 12.16 -16.19
O4 MPD FA . 8.61 12.57 -17.23
C5 MPD FA . 10.03 13.42 -15.53
#